data_7T3E
#
_entry.id   7T3E
#
_cell.length_a   58.596
_cell.length_b   87.313
_cell.length_c   129.412
_cell.angle_alpha   90.000
_cell.angle_beta   90.000
_cell.angle_gamma   90.000
#
_symmetry.space_group_name_H-M   'P 21 21 21'
#
loop_
_entity.id
_entity.type
_entity.pdbx_description
1 polymer 'TRAP-type C4-dicarboxylate transport system, periplasmic component'
2 non-polymer 'N-acetyl-beta-neuraminic acid'
3 non-polymer 'SULFATE ION'
4 water water
#
_entity_poly.entity_id   1
_entity_poly.type   'polypeptide(L)'
_entity_poly.pdbx_seq_one_letter_code
;METILKMGLQANVGSVEYDSAKILSDKISELSDGEMKLLLYPGAQLGDDRAMLQQLSMGDLDITFAEFGRMGLWIPRAEA
VMLPYVVKNYAHIQRIFNSKFGQGVREEMLTNFNWRALDTWYNGTRQTSSNRPLNTISDFEGLKLRVPNAKANLAFAKYA
GASPTPMVFSEVYLALQTNAVDGQENPLPTFNTMKFYEVQPNLAMTNHIVNDQMVLISEDRWQSLSKDQQATITEAVSVA
GKRHTNFVNNQEKELITFFKAEGVNITYPDLAPFREAMLPIYKDFDKKIGKQLVEELSDI
;
_entity_poly.pdbx_strand_id   A,B
#
# COMPACT_ATOMS: atom_id res chain seq x y z
N MET A 1 -11.50 -4.60 20.60
CA MET A 1 -11.36 -5.61 19.52
C MET A 1 -10.48 -6.75 20.00
N GLU A 2 -10.74 -7.96 19.54
CA GLU A 2 -9.97 -9.12 19.96
C GLU A 2 -9.52 -10.00 18.81
N THR A 3 -10.32 -10.14 17.76
CA THR A 3 -10.01 -11.03 16.66
C THR A 3 -9.75 -10.18 15.42
N ILE A 4 -8.49 -10.12 14.98
CA ILE A 4 -8.09 -9.19 13.93
C ILE A 4 -7.72 -10.03 12.71
N LEU A 5 -8.41 -9.77 11.61
N LEU A 5 -8.41 -9.78 11.60
CA LEU A 5 -8.20 -10.42 10.34
CA LEU A 5 -8.18 -10.45 10.35
C LEU A 5 -7.51 -9.44 9.39
C LEU A 5 -7.59 -9.46 9.34
N LYS A 6 -6.85 -9.99 8.37
CA LYS A 6 -6.16 -9.19 7.36
C LYS A 6 -6.61 -9.61 5.97
N MET A 7 -6.97 -8.63 5.15
CA MET A 7 -7.36 -8.87 3.77
C MET A 7 -6.43 -8.11 2.84
N GLY A 8 -5.99 -8.77 1.78
CA GLY A 8 -5.18 -8.13 0.75
C GLY A 8 -5.87 -8.15 -0.59
N LEU A 9 -5.59 -7.14 -1.41
CA LEU A 9 -6.17 -7.06 -2.75
C LEU A 9 -5.23 -6.30 -3.66
N GLN A 10 -5.25 -6.66 -4.96
CA GLN A 10 -4.45 -5.93 -5.93
C GLN A 10 -5.04 -4.56 -6.24
N ALA A 11 -6.37 -4.46 -6.27
CA ALA A 11 -7.02 -3.23 -6.67
C ALA A 11 -6.73 -2.12 -5.66
N ASN A 12 -6.77 -0.90 -6.17
N ASN A 12 -6.72 -0.90 -6.18
CA ASN A 12 -6.39 0.27 -5.39
CA ASN A 12 -6.38 0.28 -5.41
C ASN A 12 -7.59 0.84 -4.63
C ASN A 12 -7.58 0.79 -4.60
N VAL A 13 -7.27 1.63 -3.60
CA VAL A 13 -8.32 2.43 -2.96
C VAL A 13 -9.04 3.20 -4.06
N GLY A 14 -10.36 3.27 -3.97
CA GLY A 14 -11.18 3.90 -5.00
C GLY A 14 -11.78 2.94 -6.02
N SER A 15 -11.31 1.70 -6.06
CA SER A 15 -11.87 0.70 -6.94
C SER A 15 -13.12 0.08 -6.37
N VAL A 16 -13.90 -0.59 -7.23
CA VAL A 16 -15.06 -1.33 -6.74
C VAL A 16 -14.63 -2.40 -5.75
N GLU A 17 -13.53 -3.11 -6.03
CA GLU A 17 -13.07 -4.15 -5.13
C GLU A 17 -12.73 -3.59 -3.76
N TYR A 18 -12.05 -2.44 -3.73
CA TYR A 18 -11.74 -1.83 -2.44
C TYR A 18 -12.99 -1.38 -1.74
N ASP A 19 -13.92 -0.77 -2.46
N ASP A 19 -13.91 -0.73 -2.47
CA ASP A 19 -15.12 -0.30 -1.76
CA ASP A 19 -15.16 -0.31 -1.88
C ASP A 19 -15.93 -1.46 -1.21
C ASP A 19 -15.84 -1.48 -1.18
N SER A 20 -15.87 -2.63 -1.85
CA SER A 20 -16.49 -3.81 -1.27
C SER A 20 -15.70 -4.37 -0.09
N ALA A 21 -14.36 -4.32 -0.17
CA ALA A 21 -13.54 -4.72 0.98
C ALA A 21 -13.82 -3.84 2.19
N LYS A 22 -14.07 -2.56 1.97
CA LYS A 22 -14.41 -1.67 3.06
C LYS A 22 -15.77 -2.01 3.64
N ILE A 23 -16.74 -2.38 2.79
N ILE A 23 -16.77 -2.29 2.80
CA ILE A 23 -18.02 -2.91 3.27
CA ILE A 23 -18.08 -2.66 3.35
C ILE A 23 -17.80 -4.15 4.12
C ILE A 23 -17.97 -3.96 4.13
N LEU A 24 -17.05 -5.12 3.60
N LEU A 24 -17.09 -4.86 3.69
CA LEU A 24 -16.72 -6.30 4.40
CA LEU A 24 -16.90 -6.13 4.38
C LEU A 24 -16.24 -5.87 5.77
C LEU A 24 -16.20 -5.93 5.72
N SER A 25 -15.24 -5.00 5.78
CA SER A 25 -14.62 -4.63 7.04
C SER A 25 -15.62 -3.97 7.97
N ASP A 26 -16.43 -3.05 7.44
CA ASP A 26 -17.41 -2.36 8.26
C ASP A 26 -18.46 -3.31 8.80
N LYS A 27 -18.94 -4.23 7.98
CA LYS A 27 -19.95 -5.16 8.45
C LYS A 27 -19.39 -6.15 9.46
N ILE A 28 -18.15 -6.59 9.28
CA ILE A 28 -17.53 -7.46 10.27
C ILE A 28 -17.47 -6.78 11.62
N SER A 29 -17.06 -5.51 11.64
CA SER A 29 -16.99 -4.78 12.89
C SER A 29 -18.39 -4.56 13.47
N GLU A 30 -19.34 -4.16 12.64
CA GLU A 30 -20.68 -3.88 13.14
C GLU A 30 -21.33 -5.13 13.72
N LEU A 31 -21.32 -6.22 12.96
CA LEU A 31 -22.06 -7.41 13.36
C LEU A 31 -21.44 -8.08 14.58
N SER A 32 -20.13 -7.90 14.79
CA SER A 32 -19.42 -8.46 15.92
C SER A 32 -19.36 -7.52 17.10
N ASP A 33 -20.04 -6.38 17.03
N ASP A 33 -20.05 -6.39 17.03
CA ASP A 33 -20.00 -5.37 18.09
CA ASP A 33 -19.99 -5.36 18.08
C ASP A 33 -18.57 -4.94 18.39
C ASP A 33 -18.56 -4.98 18.40
N GLY A 34 -17.73 -4.90 17.36
CA GLY A 34 -16.37 -4.47 17.51
C GLY A 34 -15.39 -5.52 17.97
N GLU A 35 -15.84 -6.75 18.21
CA GLU A 35 -14.93 -7.79 18.64
C GLU A 35 -14.00 -8.25 17.53
N MET A 36 -14.45 -8.18 16.28
N MET A 36 -14.49 -8.21 16.30
CA MET A 36 -13.68 -8.66 15.15
CA MET A 36 -13.72 -8.58 15.12
C MET A 36 -13.47 -7.50 14.18
C MET A 36 -13.39 -7.33 14.33
N LYS A 37 -12.24 -7.38 13.67
CA LYS A 37 -11.85 -6.29 12.78
C LYS A 37 -11.16 -6.87 11.56
N LEU A 38 -11.29 -6.17 10.45
CA LEU A 38 -10.63 -6.53 9.21
C LEU A 38 -9.76 -5.38 8.72
N LEU A 39 -8.44 -5.58 8.78
CA LEU A 39 -7.46 -4.66 8.24
C LEU A 39 -7.35 -4.90 6.73
N LEU A 40 -7.06 -3.85 5.97
CA LEU A 40 -7.08 -3.88 4.51
C LEU A 40 -5.74 -3.45 3.94
N TYR A 41 -5.22 -4.23 2.99
CA TYR A 41 -3.91 -4.02 2.36
C TYR A 41 -4.11 -3.99 0.85
N PRO A 42 -4.50 -2.83 0.31
N PRO A 42 -4.52 -2.83 0.31
CA PRO A 42 -4.83 -2.72 -1.11
CA PRO A 42 -4.85 -2.75 -1.11
C PRO A 42 -3.60 -2.47 -1.98
C PRO A 42 -3.65 -2.39 -1.96
N GLY A 43 -3.88 -2.30 -3.27
CA GLY A 43 -2.87 -1.82 -4.19
C GLY A 43 -1.76 -2.79 -4.46
N ALA A 44 -1.96 -4.05 -4.17
CA ALA A 44 -0.93 -5.07 -4.38
C ALA A 44 0.32 -4.78 -3.56
N GLN A 45 0.15 -4.10 -2.42
CA GLN A 45 1.31 -3.87 -1.57
C GLN A 45 1.91 -5.17 -1.05
N LEU A 46 1.13 -6.22 -0.96
CA LEU A 46 1.59 -7.52 -0.51
C LEU A 46 2.08 -8.41 -1.63
N GLY A 47 1.94 -7.97 -2.88
CA GLY A 47 2.20 -8.77 -4.06
C GLY A 47 0.96 -8.86 -4.91
N ASP A 48 1.06 -9.62 -6.00
CA ASP A 48 -0.08 -9.84 -6.88
C ASP A 48 -1.03 -10.88 -6.27
N ASP A 49 -2.09 -11.22 -7.02
CA ASP A 49 -3.03 -12.22 -6.54
C ASP A 49 -2.36 -13.57 -6.30
N ARG A 50 -1.46 -13.98 -7.18
CA ARG A 50 -0.76 -15.24 -6.97
C ARG A 50 0.00 -15.25 -5.65
N ALA A 51 0.68 -14.15 -5.35
CA ALA A 51 1.42 -14.06 -4.10
C ALA A 51 0.49 -14.04 -2.90
N MET A 52 -0.59 -13.27 -2.97
CA MET A 52 -1.52 -13.23 -1.86
C MET A 52 -2.22 -14.55 -1.60
N LEU A 53 -2.50 -15.30 -2.67
CA LEU A 53 -3.04 -16.64 -2.50
C LEU A 53 -2.06 -17.52 -1.73
N GLN A 54 -0.77 -17.46 -2.07
N GLN A 54 -0.77 -17.42 -2.06
CA GLN A 54 0.19 -18.22 -1.28
CA GLN A 54 0.25 -18.16 -1.33
C GLN A 54 0.20 -17.76 0.18
C GLN A 54 0.31 -17.74 0.13
N GLN A 55 0.11 -16.46 0.40
CA GLN A 55 0.06 -15.95 1.77
C GLN A 55 -1.14 -16.48 2.54
N LEU A 56 -2.30 -16.62 1.87
CA LEU A 56 -3.44 -17.26 2.53
C LEU A 56 -3.12 -18.70 2.89
N SER A 57 -2.48 -19.42 1.97
CA SER A 57 -2.17 -20.81 2.26
C SER A 57 -1.30 -20.93 3.49
N MET A 58 -0.36 -19.99 3.65
N MET A 58 -0.37 -19.99 3.67
CA MET A 58 0.58 -20.01 4.76
CA MET A 58 0.58 -20.00 4.77
C MET A 58 0.04 -19.38 6.03
C MET A 58 0.08 -19.25 5.99
N GLY A 59 -1.17 -18.79 5.99
CA GLY A 59 -1.74 -18.14 7.14
C GLY A 59 -1.25 -16.74 7.39
N ASP A 60 -0.46 -16.17 6.48
CA ASP A 60 0.05 -14.81 6.65
C ASP A 60 -0.96 -13.75 6.27
N LEU A 61 -2.00 -14.14 5.57
CA LEU A 61 -3.11 -13.28 5.20
C LEU A 61 -4.36 -14.12 5.43
N ASP A 62 -5.47 -13.49 5.82
CA ASP A 62 -6.71 -14.23 6.09
C ASP A 62 -7.68 -14.28 4.92
N ILE A 63 -7.83 -13.18 4.18
CA ILE A 63 -8.83 -13.08 3.13
C ILE A 63 -8.19 -12.44 1.91
N THR A 64 -8.55 -12.94 0.74
CA THR A 64 -8.18 -12.26 -0.50
C THR A 64 -9.20 -12.60 -1.58
N PHE A 65 -9.06 -11.92 -2.72
CA PHE A 65 -9.89 -12.14 -3.91
C PHE A 65 -9.14 -12.99 -4.93
N ALA A 66 -9.89 -13.80 -5.67
CA ALA A 66 -9.32 -14.49 -6.82
C ALA A 66 -10.44 -14.95 -7.74
N GLU A 67 -10.22 -14.89 -9.05
CA GLU A 67 -11.19 -15.49 -9.96
C GLU A 67 -11.17 -17.01 -9.86
N PHE A 68 -12.32 -17.65 -10.07
CA PHE A 68 -12.34 -19.12 -10.13
C PHE A 68 -11.30 -19.64 -11.11
N GLY A 69 -11.21 -19.06 -12.30
CA GLY A 69 -10.28 -19.57 -13.28
C GLY A 69 -8.83 -19.41 -12.89
N ARG A 70 -8.52 -18.47 -11.99
CA ARG A 70 -7.15 -18.31 -11.49
C ARG A 70 -6.69 -19.54 -10.73
N MET A 71 -7.63 -20.36 -10.27
CA MET A 71 -7.28 -21.58 -9.53
C MET A 71 -6.55 -22.54 -10.48
N GLY A 72 -6.65 -22.34 -11.79
CA GLY A 72 -6.01 -23.20 -12.75
C GLY A 72 -4.52 -23.33 -12.59
N LEU A 73 -3.85 -22.35 -11.96
CA LEU A 73 -2.41 -22.47 -11.70
C LEU A 73 -2.09 -23.63 -10.78
N TRP A 74 -3.03 -23.99 -9.91
CA TRP A 74 -2.86 -25.04 -8.91
C TRP A 74 -3.75 -26.26 -9.15
N ILE A 75 -4.86 -26.08 -9.87
CA ILE A 75 -5.91 -27.06 -10.11
C ILE A 75 -6.22 -26.93 -11.60
N PRO A 76 -5.48 -27.63 -12.47
CA PRO A 76 -5.49 -27.25 -13.90
C PRO A 76 -6.85 -27.12 -14.55
N ARG A 77 -7.81 -27.97 -14.20
CA ARG A 77 -9.09 -27.93 -14.91
C ARG A 77 -9.83 -26.62 -14.71
N ALA A 78 -9.55 -25.90 -13.63
CA ALA A 78 -10.28 -24.66 -13.37
C ALA A 78 -9.99 -23.58 -14.39
N GLU A 79 -8.84 -23.66 -15.08
N GLU A 79 -8.85 -23.67 -15.08
CA GLU A 79 -8.45 -22.65 -16.05
CA GLU A 79 -8.49 -22.63 -16.03
C GLU A 79 -9.45 -22.51 -17.19
C GLU A 79 -9.52 -22.47 -17.13
N ALA A 80 -10.23 -23.55 -17.48
CA ALA A 80 -11.16 -23.49 -18.59
C ALA A 80 -12.14 -22.35 -18.44
N VAL A 81 -12.47 -22.01 -17.19
N VAL A 81 -12.51 -21.96 -17.22
CA VAL A 81 -13.49 -21.03 -16.84
CA VAL A 81 -13.51 -20.90 -17.12
C VAL A 81 -13.08 -19.61 -17.22
C VAL A 81 -12.99 -19.53 -17.52
N MET A 82 -11.79 -19.37 -17.47
N MET A 82 -11.67 -19.33 -17.49
CA MET A 82 -11.27 -18.05 -17.85
CA MET A 82 -11.12 -18.05 -17.89
C MET A 82 -10.92 -17.95 -19.33
C MET A 82 -11.02 -17.90 -19.39
N LEU A 83 -11.08 -19.01 -20.11
CA LEU A 83 -10.76 -18.92 -21.53
C LEU A 83 -11.76 -18.00 -22.22
N PRO A 84 -11.31 -17.23 -23.21
N PRO A 84 -11.32 -17.27 -23.25
CA PRO A 84 -12.22 -16.23 -23.79
CA PRO A 84 -12.18 -16.24 -23.84
C PRO A 84 -13.48 -16.87 -24.34
C PRO A 84 -13.47 -16.84 -24.42
N TYR A 85 -14.59 -16.21 -24.08
CA TYR A 85 -15.93 -16.50 -24.56
C TYR A 85 -16.54 -17.79 -24.00
N VAL A 86 -15.89 -18.47 -23.06
CA VAL A 86 -16.49 -19.69 -22.51
C VAL A 86 -17.63 -19.35 -21.57
N VAL A 87 -17.36 -18.53 -20.56
CA VAL A 87 -18.40 -18.10 -19.62
C VAL A 87 -19.20 -16.98 -20.26
N LYS A 88 -20.52 -17.15 -20.27
CA LYS A 88 -21.37 -16.22 -20.99
C LYS A 88 -21.74 -15.00 -20.17
N ASN A 89 -21.87 -15.15 -18.86
CA ASN A 89 -22.39 -14.11 -17.97
C ASN A 89 -22.23 -14.57 -16.54
N TYR A 90 -22.62 -13.70 -15.61
CA TYR A 90 -22.47 -14.04 -14.20
C TYR A 90 -23.33 -15.25 -13.79
N ALA A 91 -24.57 -15.35 -14.30
CA ALA A 91 -25.38 -16.50 -13.93
C ALA A 91 -24.70 -17.80 -14.32
N HIS A 92 -23.99 -17.79 -15.44
CA HIS A 92 -23.25 -18.97 -15.89
C HIS A 92 -22.12 -19.30 -14.94
N ILE A 93 -21.33 -18.30 -14.54
CA ILE A 93 -20.28 -18.61 -13.57
C ILE A 93 -20.88 -19.10 -12.25
N GLN A 94 -22.06 -18.61 -11.86
CA GLN A 94 -22.69 -19.14 -10.66
C GLN A 94 -23.06 -20.62 -10.84
N ARG A 95 -23.61 -20.98 -12.00
CA ARG A 95 -23.91 -22.38 -12.25
C ARG A 95 -22.64 -23.23 -12.17
N ILE A 96 -21.55 -22.73 -12.73
CA ILE A 96 -20.30 -23.48 -12.68
C ILE A 96 -19.81 -23.63 -11.24
N PHE A 97 -19.81 -22.53 -10.49
CA PHE A 97 -19.33 -22.55 -9.11
C PHE A 97 -20.12 -23.54 -8.26
N ASN A 98 -21.44 -23.62 -8.50
CA ASN A 98 -22.33 -24.44 -7.69
C ASN A 98 -22.48 -25.87 -8.20
N SER A 99 -22.00 -26.16 -9.39
CA SER A 99 -22.11 -27.48 -10.00
C SER A 99 -21.21 -28.48 -9.27
N LYS A 100 -21.37 -29.76 -9.60
N LYS A 100 -21.39 -29.76 -9.59
CA LYS A 100 -20.45 -30.75 -9.06
CA LYS A 100 -20.47 -30.78 -9.10
C LYS A 100 -19.02 -30.46 -9.46
C LYS A 100 -19.03 -30.42 -9.45
N PHE A 101 -18.80 -29.96 -10.68
CA PHE A 101 -17.46 -29.57 -11.10
C PHE A 101 -16.94 -28.46 -10.19
N GLY A 102 -17.76 -27.45 -9.92
CA GLY A 102 -17.30 -26.36 -9.09
C GLY A 102 -17.04 -26.79 -7.65
N GLN A 103 -17.94 -27.61 -7.11
CA GLN A 103 -17.76 -28.15 -5.78
C GLN A 103 -16.47 -28.94 -5.69
N GLY A 104 -16.14 -29.71 -6.73
CA GLY A 104 -14.91 -30.48 -6.71
C GLY A 104 -13.67 -29.60 -6.69
N VAL A 105 -13.69 -28.50 -7.45
CA VAL A 105 -12.57 -27.55 -7.41
C VAL A 105 -12.48 -26.91 -6.03
N ARG A 106 -13.63 -26.50 -5.47
CA ARG A 106 -13.64 -25.86 -4.17
C ARG A 106 -13.13 -26.79 -3.09
N GLU A 107 -13.47 -28.07 -3.16
CA GLU A 107 -12.98 -29.03 -2.18
C GLU A 107 -11.47 -29.19 -2.30
N GLU A 108 -10.96 -29.24 -3.52
CA GLU A 108 -9.52 -29.38 -3.74
C GLU A 108 -8.77 -28.15 -3.24
N MET A 109 -9.37 -26.97 -3.39
CA MET A 109 -8.75 -25.72 -2.95
C MET A 109 -8.58 -25.80 -1.42
N LEU A 110 -9.58 -26.35 -0.75
N LEU A 110 -9.64 -26.27 -0.73
CA LEU A 110 -9.58 -26.43 0.72
CA LEU A 110 -9.60 -26.45 0.72
C LEU A 110 -8.60 -27.49 1.21
C LEU A 110 -8.49 -27.44 1.09
N THR A 111 -8.59 -28.65 0.56
CA THR A 111 -7.75 -29.75 0.98
C THR A 111 -6.28 -29.47 0.75
N ASN A 112 -5.94 -28.96 -0.43
CA ASN A 112 -4.55 -28.84 -0.79
C ASN A 112 -3.93 -27.52 -0.38
N PHE A 113 -4.70 -26.42 -0.45
CA PHE A 113 -4.15 -25.08 -0.44
C PHE A 113 -4.66 -24.21 0.69
N ASN A 114 -5.51 -24.74 1.56
CA ASN A 114 -6.02 -24.02 2.72
C ASN A 114 -6.89 -22.83 2.30
N TRP A 115 -7.62 -22.94 1.19
CA TRP A 115 -8.51 -21.88 0.72
C TRP A 115 -9.96 -22.32 0.81
N ARG A 116 -10.78 -21.53 1.51
N ARG A 116 -10.77 -21.58 1.58
CA ARG A 116 -12.21 -21.75 1.62
CA ARG A 116 -12.21 -21.76 1.60
C ARG A 116 -12.94 -20.66 0.83
C ARG A 116 -12.85 -20.66 0.77
N ALA A 117 -13.60 -21.05 -0.25
CA ALA A 117 -14.34 -20.08 -1.04
C ALA A 117 -15.68 -19.79 -0.37
N LEU A 118 -15.89 -18.54 0.01
CA LEU A 118 -17.11 -18.15 0.70
C LEU A 118 -18.21 -17.70 -0.26
N ASP A 119 -17.86 -17.25 -1.46
CA ASP A 119 -18.80 -16.69 -2.43
C ASP A 119 -18.00 -16.40 -3.68
N THR A 120 -18.71 -16.08 -4.77
CA THR A 120 -18.06 -15.45 -5.89
C THR A 120 -18.99 -14.38 -6.43
N TRP A 121 -18.44 -13.20 -6.70
CA TRP A 121 -19.16 -12.02 -7.13
C TRP A 121 -18.88 -11.79 -8.61
N TYR A 122 -19.60 -10.83 -9.19
CA TYR A 122 -19.34 -10.43 -10.58
C TYR A 122 -18.40 -9.24 -10.59
N ASN A 123 -17.26 -9.38 -11.28
CA ASN A 123 -16.31 -8.28 -11.38
C ASN A 123 -16.31 -7.58 -12.73
N GLY A 124 -17.20 -7.99 -13.63
CA GLY A 124 -17.32 -7.33 -14.91
C GLY A 124 -16.76 -8.15 -16.05
N THR A 125 -17.16 -7.76 -17.26
CA THR A 125 -16.70 -8.37 -18.48
C THR A 125 -15.59 -7.51 -19.10
N ARG A 126 -14.49 -8.15 -19.47
CA ARG A 126 -13.32 -7.44 -19.98
C ARG A 126 -13.58 -6.92 -21.39
N GLN A 127 -13.03 -5.73 -21.64
CA GLN A 127 -13.13 -5.00 -22.90
C GLN A 127 -11.74 -4.51 -23.26
N THR A 128 -11.48 -4.18 -24.53
CA THR A 128 -10.13 -3.87 -25.00
C THR A 128 -9.98 -2.40 -25.32
N SER A 129 -9.09 -1.70 -24.63
CA SER A 129 -8.80 -0.31 -24.95
C SER A 129 -7.54 -0.22 -25.78
N SER A 130 -7.39 0.90 -26.49
CA SER A 130 -6.21 1.04 -27.34
C SER A 130 -5.99 2.48 -27.78
N ASN A 131 -4.80 2.69 -28.35
CA ASN A 131 -4.39 3.99 -28.87
C ASN A 131 -4.75 4.19 -30.34
N ARG A 132 -5.56 3.31 -30.92
CA ARG A 132 -6.14 3.50 -32.25
C ARG A 132 -7.43 2.69 -32.31
N PRO A 133 -8.36 3.04 -33.18
N PRO A 133 -8.39 3.09 -33.13
CA PRO A 133 -9.67 2.39 -33.15
CA PRO A 133 -9.67 2.38 -33.15
C PRO A 133 -9.63 0.94 -33.65
C PRO A 133 -9.51 0.92 -33.54
N LEU A 134 -10.32 0.07 -32.92
CA LEU A 134 -10.40 -1.36 -33.26
C LEU A 134 -11.83 -1.65 -33.70
N ASN A 135 -12.03 -1.75 -35.00
N ASN A 135 -12.03 -1.78 -35.00
CA ASN A 135 -13.35 -2.05 -35.55
CA ASN A 135 -13.35 -2.04 -35.56
C ASN A 135 -13.53 -3.51 -35.87
C ASN A 135 -13.56 -3.47 -36.01
N THR A 136 -12.47 -4.20 -36.29
CA THR A 136 -12.52 -5.59 -36.67
C THR A 136 -11.34 -6.30 -36.03
N ILE A 137 -11.39 -7.63 -36.08
CA ILE A 137 -10.30 -8.43 -35.52
C ILE A 137 -9.01 -8.14 -36.26
N SER A 138 -9.06 -7.81 -37.56
CA SER A 138 -7.85 -7.51 -38.29
C SER A 138 -7.13 -6.30 -37.73
N ASP A 139 -7.84 -5.37 -37.10
CA ASP A 139 -7.20 -4.21 -36.49
C ASP A 139 -6.30 -4.59 -35.32
N PHE A 140 -6.46 -5.79 -34.76
CA PHE A 140 -5.57 -6.21 -33.68
C PHE A 140 -4.18 -6.57 -34.19
N GLU A 141 -4.00 -6.78 -35.49
CA GLU A 141 -2.67 -7.09 -36.00
C GLU A 141 -1.71 -5.97 -35.67
N GLY A 142 -0.57 -6.33 -35.07
CA GLY A 142 0.43 -5.36 -34.70
C GLY A 142 0.15 -4.62 -33.41
N LEU A 143 -0.99 -4.85 -32.77
CA LEU A 143 -1.31 -4.15 -31.54
C LEU A 143 -0.49 -4.73 -30.39
N LYS A 144 0.28 -3.90 -29.72
CA LYS A 144 1.02 -4.33 -28.53
C LYS A 144 0.04 -4.29 -27.37
N LEU A 145 -0.54 -5.42 -27.06
CA LEU A 145 -1.66 -5.50 -26.12
C LEU A 145 -1.16 -6.03 -24.78
N ARG A 146 -1.16 -5.18 -23.77
CA ARG A 146 -0.82 -5.64 -22.44
C ARG A 146 -1.87 -6.63 -21.97
N VAL A 147 -1.39 -7.68 -21.30
CA VAL A 147 -2.23 -8.67 -20.61
C VAL A 147 -1.65 -8.88 -19.23
N PRO A 148 -2.47 -9.32 -18.27
CA PRO A 148 -1.94 -9.80 -17.00
C PRO A 148 -1.09 -11.04 -17.24
N ASN A 149 -0.43 -11.49 -16.16
CA ASN A 149 0.30 -12.74 -16.17
C ASN A 149 -0.67 -13.92 -16.02
N ALA A 150 -1.42 -14.16 -17.09
CA ALA A 150 -2.48 -15.14 -17.11
C ALA A 150 -2.56 -15.70 -18.52
N LYS A 151 -2.51 -17.03 -18.64
N LYS A 151 -2.49 -17.02 -18.63
CA LYS A 151 -2.45 -17.64 -19.95
CA LYS A 151 -2.45 -17.64 -19.95
C LYS A 151 -3.71 -17.37 -20.77
C LYS A 151 -3.72 -17.41 -20.77
N ALA A 152 -4.89 -17.33 -20.14
CA ALA A 152 -6.12 -17.14 -20.91
C ALA A 152 -6.11 -15.79 -21.62
N ASN A 153 -5.69 -14.74 -20.91
CA ASN A 153 -5.65 -13.41 -21.50
C ASN A 153 -4.59 -13.34 -22.58
N LEU A 154 -3.44 -13.96 -22.33
N LEU A 154 -3.42 -13.94 -22.33
CA LEU A 154 -2.40 -14.04 -23.35
CA LEU A 154 -2.38 -14.05 -23.35
C LEU A 154 -2.92 -14.72 -24.61
C LEU A 154 -2.96 -14.69 -24.61
N ALA A 155 -3.69 -15.80 -24.45
CA ALA A 155 -4.23 -16.51 -25.59
C ALA A 155 -5.26 -15.67 -26.34
N PHE A 156 -6.12 -14.94 -25.63
CA PHE A 156 -7.03 -14.03 -26.31
C PHE A 156 -6.24 -13.09 -27.20
N ALA A 157 -5.21 -12.45 -26.65
CA ALA A 157 -4.43 -11.52 -27.43
C ALA A 157 -3.77 -12.20 -28.62
N LYS A 158 -3.18 -13.37 -28.40
CA LYS A 158 -2.49 -14.06 -29.48
C LYS A 158 -3.46 -14.41 -30.61
N TYR A 159 -4.59 -15.01 -30.29
CA TYR A 159 -5.49 -15.49 -31.33
C TYR A 159 -6.30 -14.37 -31.96
N ALA A 160 -6.40 -13.21 -31.31
CA ALA A 160 -6.91 -12.02 -31.97
C ALA A 160 -5.91 -11.43 -32.94
N GLY A 161 -4.66 -11.88 -32.92
CA GLY A 161 -3.63 -11.40 -33.82
C GLY A 161 -2.73 -10.34 -33.23
N ALA A 162 -2.93 -10.00 -31.96
CA ALA A 162 -2.13 -8.96 -31.32
C ALA A 162 -0.80 -9.53 -30.85
N SER A 163 0.04 -8.64 -30.35
CA SER A 163 1.37 -8.98 -29.84
C SER A 163 1.25 -8.87 -28.33
N PRO A 164 1.04 -9.97 -27.61
CA PRO A 164 0.75 -9.88 -26.17
C PRO A 164 1.97 -9.46 -25.39
N THR A 165 1.74 -8.64 -24.37
CA THR A 165 2.82 -8.12 -23.52
C THR A 165 2.38 -8.28 -22.08
N PRO A 166 2.78 -9.37 -21.42
N PRO A 166 2.86 -9.32 -21.36
CA PRO A 166 2.40 -9.56 -20.02
CA PRO A 166 2.41 -9.50 -19.97
C PRO A 166 3.06 -8.51 -19.13
C PRO A 166 3.05 -8.49 -19.03
N MET A 167 2.34 -8.08 -18.11
N MET A 167 2.22 -7.85 -18.21
CA MET A 167 2.84 -7.03 -17.22
CA MET A 167 2.66 -6.82 -17.27
C MET A 167 1.94 -6.95 -15.99
C MET A 167 1.90 -6.96 -15.96
N VAL A 168 2.55 -6.75 -14.81
N VAL A 168 2.55 -6.53 -14.88
CA VAL A 168 1.78 -6.61 -13.59
CA VAL A 168 1.88 -6.45 -13.59
C VAL A 168 0.85 -5.39 -13.70
C VAL A 168 0.89 -5.27 -13.61
N PHE A 169 -0.25 -5.46 -12.97
CA PHE A 169 -1.32 -4.47 -13.04
C PHE A 169 -0.88 -3.06 -12.69
N SER A 170 -0.04 -2.92 -11.67
CA SER A 170 0.38 -1.59 -11.24
C SER A 170 1.25 -0.86 -12.26
N GLU A 171 1.77 -1.54 -13.28
CA GLU A 171 2.65 -0.95 -14.26
C GLU A 171 1.92 -0.53 -15.53
N VAL A 172 0.64 -0.83 -15.63
CA VAL A 172 -0.09 -0.63 -16.87
C VAL A 172 -0.24 0.84 -17.22
N TYR A 173 -0.66 1.67 -16.26
CA TYR A 173 -0.95 3.07 -16.58
C TYR A 173 0.25 3.73 -17.25
N LEU A 174 1.45 3.55 -16.68
CA LEU A 174 2.64 4.17 -17.24
C LEU A 174 2.93 3.64 -18.63
N ALA A 175 2.76 2.34 -18.82
CA ALA A 175 3.01 1.76 -20.14
C ALA A 175 2.05 2.32 -21.20
N LEU A 176 0.78 2.52 -20.82
CA LEU A 176 -0.18 3.14 -21.76
C LEU A 176 0.17 4.60 -22.01
N GLN A 177 0.50 5.33 -20.94
CA GLN A 177 0.77 6.75 -21.03
C GLN A 177 1.92 7.05 -21.97
N THR A 178 2.97 6.23 -21.92
CA THR A 178 4.17 6.43 -22.71
C THR A 178 4.11 5.68 -24.03
N ASN A 179 2.99 5.02 -24.32
CA ASN A 179 2.84 4.20 -25.53
C ASN A 179 3.90 3.11 -25.61
N ALA A 180 4.38 2.63 -24.47
CA ALA A 180 5.21 1.43 -24.47
C ALA A 180 4.39 0.22 -24.91
N VAL A 181 3.09 0.22 -24.61
CA VAL A 181 2.13 -0.71 -25.18
C VAL A 181 1.05 0.13 -25.82
N ASP A 182 0.26 -0.52 -26.68
CA ASP A 182 -0.80 0.16 -27.41
C ASP A 182 -2.16 0.01 -26.75
N GLY A 183 -2.34 -0.91 -25.83
CA GLY A 183 -3.66 -1.14 -25.27
C GLY A 183 -3.59 -2.08 -24.09
N GLN A 184 -4.73 -2.28 -23.48
CA GLN A 184 -4.90 -3.24 -22.40
C GLN A 184 -6.33 -3.75 -22.45
N GLU A 185 -6.69 -4.64 -21.55
CA GLU A 185 -8.03 -5.19 -21.53
C GLU A 185 -8.43 -5.48 -20.09
N ASN A 186 -9.63 -5.07 -19.72
CA ASN A 186 -10.09 -5.10 -18.34
C ASN A 186 -11.57 -4.73 -18.34
N PRO A 187 -12.30 -5.00 -17.26
CA PRO A 187 -13.70 -4.54 -17.21
C PRO A 187 -13.79 -3.02 -17.12
N LEU A 188 -14.98 -2.49 -17.40
CA LEU A 188 -15.16 -1.06 -17.44
C LEU A 188 -14.98 -0.36 -16.10
N PRO A 189 -15.43 -0.90 -14.96
CA PRO A 189 -15.15 -0.18 -13.70
C PRO A 189 -13.65 0.03 -13.51
N THR A 190 -12.85 -0.98 -13.83
CA THR A 190 -11.40 -0.86 -13.75
C THR A 190 -10.87 0.20 -14.70
N PHE A 191 -11.33 0.18 -15.95
CA PHE A 191 -10.91 1.20 -16.93
C PHE A 191 -11.19 2.60 -16.39
N ASN A 192 -12.30 2.76 -15.67
CA ASN A 192 -12.62 4.02 -15.01
C ASN A 192 -11.69 4.34 -13.86
N THR A 193 -11.67 3.50 -12.82
CA THR A 193 -11.02 3.96 -11.58
C THR A 193 -9.51 3.95 -11.68
N MET A 194 -8.94 3.13 -12.56
CA MET A 194 -7.52 3.20 -12.84
C MET A 194 -7.17 4.36 -13.75
N LYS A 195 -8.16 5.10 -14.24
N LYS A 195 -8.18 5.08 -14.25
CA LYS A 195 -7.93 6.26 -15.10
CA LYS A 195 -8.00 6.23 -15.12
C LYS A 195 -7.31 5.87 -16.43
C LYS A 195 -7.28 5.86 -16.41
N PHE A 196 -7.46 4.61 -16.85
CA PHE A 196 -6.91 4.21 -18.13
C PHE A 196 -7.53 5.03 -19.27
N TYR A 197 -8.76 5.51 -19.09
CA TYR A 197 -9.39 6.33 -20.12
C TYR A 197 -8.60 7.61 -20.38
N GLU A 198 -7.83 8.09 -19.40
CA GLU A 198 -7.03 9.31 -19.60
C GLU A 198 -5.92 9.10 -20.63
N VAL A 199 -5.50 7.85 -20.83
CA VAL A 199 -4.36 7.52 -21.67
C VAL A 199 -4.73 6.52 -22.76
N GLN A 200 -6.05 6.33 -22.98
CA GLN A 200 -6.53 5.39 -23.99
C GLN A 200 -7.69 6.04 -24.74
N PRO A 201 -7.48 6.44 -25.99
CA PRO A 201 -8.53 7.18 -26.71
C PRO A 201 -9.59 6.31 -27.33
N ASN A 202 -9.46 4.99 -27.27
CA ASN A 202 -10.44 4.10 -27.87
C ASN A 202 -10.70 2.94 -26.92
N LEU A 203 -11.93 2.45 -27.01
CA LEU A 203 -12.42 1.31 -26.25
C LEU A 203 -13.25 0.47 -27.18
N ALA A 204 -12.98 -0.83 -27.24
CA ALA A 204 -13.66 -1.78 -28.12
C ALA A 204 -14.36 -2.81 -27.26
N MET A 205 -15.64 -3.03 -27.52
N MET A 205 -15.66 -2.98 -27.50
CA MET A 205 -16.46 -3.89 -26.68
CA MET A 205 -16.48 -3.90 -26.71
C MET A 205 -16.35 -5.34 -27.14
C MET A 205 -16.30 -5.32 -27.26
N THR A 206 -15.17 -5.92 -26.88
CA THR A 206 -14.87 -7.29 -27.26
C THR A 206 -15.52 -8.32 -26.36
N ASN A 207 -15.93 -7.93 -25.16
CA ASN A 207 -16.72 -8.77 -24.28
C ASN A 207 -16.09 -10.15 -24.10
N HIS A 208 -14.78 -10.22 -23.92
CA HIS A 208 -14.10 -11.48 -24.20
C HIS A 208 -13.95 -12.41 -23.00
N ILE A 209 -13.90 -11.89 -21.78
CA ILE A 209 -13.76 -12.72 -20.58
C ILE A 209 -14.64 -12.13 -19.50
N VAL A 210 -15.53 -12.94 -18.95
CA VAL A 210 -16.33 -12.60 -17.78
C VAL A 210 -15.51 -12.93 -16.55
N ASN A 211 -15.18 -11.91 -15.74
CA ASN A 211 -14.46 -12.13 -14.49
C ASN A 211 -15.45 -12.23 -13.33
N ASP A 212 -15.35 -13.31 -12.58
CA ASP A 212 -15.95 -13.41 -11.26
C ASP A 212 -14.96 -12.86 -10.24
N GLN A 213 -15.23 -13.11 -8.97
CA GLN A 213 -14.36 -12.58 -7.92
C GLN A 213 -14.70 -13.39 -6.67
N MET A 214 -13.94 -14.46 -6.45
CA MET A 214 -14.17 -15.26 -5.27
C MET A 214 -13.63 -14.54 -4.05
N VAL A 215 -14.35 -14.69 -2.95
CA VAL A 215 -13.88 -14.27 -1.63
C VAL A 215 -13.35 -15.51 -0.95
N LEU A 216 -12.04 -15.56 -0.74
CA LEU A 216 -11.40 -16.70 -0.10
C LEU A 216 -10.96 -16.32 1.30
N ILE A 217 -11.15 -17.26 2.23
CA ILE A 217 -10.60 -17.14 3.58
C ILE A 217 -9.71 -18.35 3.81
N SER A 218 -8.65 -18.15 4.57
N SER A 218 -8.67 -18.15 4.61
CA SER A 218 -7.86 -19.28 5.04
CA SER A 218 -7.84 -19.26 5.07
C SER A 218 -8.77 -20.25 5.77
C SER A 218 -8.73 -20.26 5.82
N GLU A 219 -8.68 -21.53 5.40
CA GLU A 219 -9.53 -22.54 6.04
C GLU A 219 -9.16 -22.72 7.50
N ASP A 220 -7.87 -22.70 7.80
CA ASP A 220 -7.42 -22.74 9.20
C ASP A 220 -8.03 -21.60 10.00
N ARG A 221 -8.02 -20.37 9.46
N ARG A 221 -8.06 -20.39 9.44
CA ARG A 221 -8.64 -19.27 10.16
CA ARG A 221 -8.63 -19.28 10.20
C ARG A 221 -10.11 -19.55 10.38
C ARG A 221 -10.14 -19.43 10.35
N TRP A 222 -10.82 -19.90 9.30
CA TRP A 222 -12.25 -20.16 9.41
C TRP A 222 -12.54 -21.13 10.55
N GLN A 223 -11.77 -22.24 10.60
CA GLN A 223 -12.06 -23.26 11.59
C GLN A 223 -11.80 -22.77 13.01
N SER A 224 -10.91 -21.79 13.16
CA SER A 224 -10.59 -21.24 14.48
C SER A 224 -11.63 -20.27 14.98
N LEU A 225 -12.53 -19.80 14.12
CA LEU A 225 -13.55 -18.85 14.52
C LEU A 225 -14.68 -19.56 15.23
N SER A 226 -15.34 -18.84 16.13
CA SER A 226 -16.54 -19.36 16.74
C SER A 226 -17.69 -19.39 15.73
N LYS A 227 -18.75 -20.09 16.09
CA LYS A 227 -19.91 -20.13 15.22
C LYS A 227 -20.47 -18.73 15.00
N ASP A 228 -20.51 -17.90 16.05
N ASP A 228 -20.47 -17.89 16.03
CA ASP A 228 -20.97 -16.53 15.89
CA ASP A 228 -21.00 -16.54 15.83
C ASP A 228 -20.08 -15.75 14.94
C ASP A 228 -20.07 -15.70 14.96
N GLN A 229 -18.76 -15.89 15.08
CA GLN A 229 -17.84 -15.16 14.21
C GLN A 229 -17.98 -15.60 12.77
N GLN A 230 -18.17 -16.90 12.55
CA GLN A 230 -18.42 -17.41 11.20
C GLN A 230 -19.69 -16.80 10.64
N ALA A 231 -20.74 -16.70 11.46
CA ALA A 231 -21.99 -16.11 10.98
CA ALA A 231 -21.99 -16.11 10.98
C ALA A 231 -21.78 -14.65 10.58
N THR A 232 -20.97 -13.92 11.35
CA THR A 232 -20.65 -12.54 11.00
C THR A 232 -19.99 -12.46 9.64
N ILE A 233 -19.00 -13.31 9.38
N ILE A 233 -18.96 -13.28 9.42
CA ILE A 233 -18.32 -13.24 8.10
CA ILE A 233 -18.29 -13.33 8.12
C ILE A 233 -19.26 -13.64 6.96
C ILE A 233 -19.29 -13.60 7.01
N THR A 234 -20.09 -14.66 7.18
CA THR A 234 -21.02 -15.08 6.14
C THR A 234 -21.97 -13.96 5.77
N GLU A 235 -22.52 -13.27 6.77
CA GLU A 235 -23.44 -12.18 6.50
C GLU A 235 -22.73 -11.01 5.86
N ALA A 236 -21.53 -10.66 6.35
CA ALA A 236 -20.78 -9.56 5.74
C ALA A 236 -20.50 -9.83 4.26
N VAL A 237 -20.13 -11.06 3.92
CA VAL A 237 -19.86 -11.43 2.54
C VAL A 237 -21.12 -11.34 1.69
N SER A 238 -22.26 -11.77 2.24
CA SER A 238 -23.51 -11.68 1.49
C SER A 238 -23.86 -10.21 1.20
N VAL A 239 -23.76 -9.36 2.21
CA VAL A 239 -24.10 -7.94 2.04
C VAL A 239 -23.15 -7.31 1.02
N ALA A 240 -21.85 -7.52 1.20
CA ALA A 240 -20.88 -6.91 0.30
C ALA A 240 -21.05 -7.43 -1.12
N GLY A 241 -21.30 -8.73 -1.28
CA GLY A 241 -21.41 -9.28 -2.62
C GLY A 241 -22.63 -8.79 -3.37
N LYS A 242 -23.76 -8.67 -2.70
CA LYS A 242 -24.94 -8.12 -3.36
C LYS A 242 -24.63 -6.73 -3.87
N ARG A 243 -24.01 -5.91 -3.03
CA ARG A 243 -23.70 -4.55 -3.44
C ARG A 243 -22.68 -4.51 -4.57
N HIS A 244 -21.67 -5.39 -4.50
CA HIS A 244 -20.61 -5.41 -5.50
C HIS A 244 -21.15 -5.72 -6.87
N THR A 245 -21.86 -6.83 -6.99
CA THR A 245 -22.39 -7.26 -8.27
C THR A 245 -23.35 -6.24 -8.83
N ASN A 246 -24.20 -5.68 -7.98
CA ASN A 246 -25.16 -4.68 -8.46
C ASN A 246 -24.43 -3.43 -8.95
N PHE A 247 -23.39 -3.01 -8.23
CA PHE A 247 -22.64 -1.83 -8.63
C PHE A 247 -21.96 -2.05 -9.97
N VAL A 248 -21.34 -3.22 -10.16
CA VAL A 248 -20.72 -3.51 -11.44
C VAL A 248 -21.74 -3.52 -12.55
N ASN A 249 -22.90 -4.15 -12.32
CA ASN A 249 -23.94 -4.14 -13.35
C ASN A 249 -24.35 -2.71 -13.71
N ASN A 250 -24.56 -1.89 -12.70
CA ASN A 250 -24.96 -0.52 -12.97
C ASN A 250 -23.88 0.25 -13.71
N GLN A 251 -22.63 0.06 -13.31
CA GLN A 251 -21.54 0.77 -13.96
C GLN A 251 -21.33 0.33 -15.39
N GLU A 252 -21.55 -0.94 -15.69
CA GLU A 252 -21.40 -1.39 -17.07
C GLU A 252 -22.38 -0.68 -17.98
N LYS A 253 -23.52 -0.23 -17.45
N LYS A 253 -23.52 -0.23 -17.42
CA LYS A 253 -24.39 0.61 -18.26
CA LYS A 253 -24.49 0.56 -18.17
C LYS A 253 -23.93 2.07 -18.21
C LYS A 253 -24.14 2.04 -18.17
N GLU A 254 -23.80 2.59 -17.00
CA GLU A 254 -23.64 4.03 -16.86
C GLU A 254 -22.30 4.53 -17.36
N LEU A 255 -21.26 3.71 -17.39
CA LEU A 255 -19.95 4.22 -17.70
C LEU A 255 -19.79 4.56 -19.17
N ILE A 256 -20.58 3.97 -20.05
CA ILE A 256 -20.49 4.29 -21.47
C ILE A 256 -20.66 5.79 -21.68
N THR A 257 -21.70 6.37 -21.07
N THR A 257 -21.69 6.38 -21.07
CA THR A 257 -21.93 7.80 -21.19
CA THR A 257 -21.92 7.81 -21.20
C THR A 257 -20.75 8.58 -20.65
C THR A 257 -20.77 8.61 -20.63
N PHE A 258 -20.20 8.15 -19.51
CA PHE A 258 -19.08 8.86 -18.90
C PHE A 258 -17.83 8.81 -19.78
N PHE A 259 -17.49 7.64 -20.30
CA PHE A 259 -16.30 7.56 -21.14
C PHE A 259 -16.44 8.40 -22.40
N LYS A 260 -17.63 8.41 -23.02
CA LYS A 260 -17.83 9.28 -24.18
C LYS A 260 -17.60 10.73 -23.80
N ALA A 261 -18.15 11.15 -22.66
CA ALA A 261 -18.00 12.54 -22.24
C ALA A 261 -16.54 12.89 -21.99
N GLU A 262 -15.74 11.92 -21.55
CA GLU A 262 -14.32 12.10 -21.32
C GLU A 262 -13.50 11.98 -22.59
N GLY A 263 -14.14 11.77 -23.74
CA GLY A 263 -13.46 11.80 -25.00
C GLY A 263 -13.05 10.45 -25.57
N VAL A 264 -13.51 9.34 -25.01
CA VAL A 264 -13.15 8.02 -25.51
C VAL A 264 -14.05 7.67 -26.69
N ASN A 265 -13.43 7.14 -27.74
CA ASN A 265 -14.14 6.61 -28.90
C ASN A 265 -14.48 5.15 -28.62
N ILE A 266 -15.76 4.82 -28.55
CA ILE A 266 -16.18 3.45 -28.24
C ILE A 266 -16.62 2.76 -29.53
N THR A 267 -16.03 1.61 -29.81
CA THR A 267 -16.37 0.77 -30.93
C THR A 267 -16.99 -0.53 -30.45
N TYR A 268 -17.76 -1.15 -31.35
CA TYR A 268 -18.53 -2.35 -31.08
C TYR A 268 -18.28 -3.35 -32.21
N PRO A 269 -17.12 -4.00 -32.21
CA PRO A 269 -16.85 -4.96 -33.28
C PRO A 269 -17.86 -6.10 -33.30
N ASP A 270 -18.09 -6.62 -34.49
N ASP A 270 -18.10 -6.61 -34.49
CA ASP A 270 -18.80 -7.89 -34.64
CA ASP A 270 -18.85 -7.86 -34.59
C ASP A 270 -18.02 -8.98 -33.91
C ASP A 270 -18.04 -8.96 -33.91
N LEU A 271 -18.68 -9.68 -32.99
CA LEU A 271 -17.95 -10.64 -32.17
C LEU A 271 -17.89 -12.04 -32.76
N ALA A 272 -18.69 -12.37 -33.80
CA ALA A 272 -18.59 -13.71 -34.36
C ALA A 272 -17.17 -14.03 -34.83
N PRO A 273 -16.44 -13.12 -35.50
CA PRO A 273 -15.07 -13.46 -35.89
C PRO A 273 -14.13 -13.65 -34.71
N PHE A 274 -14.37 -12.94 -33.60
CA PHE A 274 -13.56 -13.14 -32.43
C PHE A 274 -13.82 -14.52 -31.82
N ARG A 275 -15.08 -14.90 -31.70
N ARG A 275 -15.09 -14.89 -31.69
CA ARG A 275 -15.38 -16.21 -31.15
CA ARG A 275 -15.40 -16.21 -31.16
C ARG A 275 -14.77 -17.31 -32.02
C ARG A 275 -14.78 -17.30 -32.02
N GLU A 276 -14.87 -17.16 -33.36
CA GLU A 276 -14.30 -18.17 -34.24
C GLU A 276 -12.79 -18.25 -34.07
N ALA A 277 -12.12 -17.11 -33.93
CA ALA A 277 -10.67 -17.09 -33.80
C ALA A 277 -10.19 -17.80 -32.54
N MET A 278 -11.02 -17.88 -31.50
CA MET A 278 -10.62 -18.51 -30.26
C MET A 278 -10.77 -20.02 -30.25
N LEU A 279 -11.39 -20.63 -31.25
CA LEU A 279 -11.64 -22.06 -31.21
C LEU A 279 -10.40 -22.90 -30.96
N PRO A 280 -9.22 -22.58 -31.52
CA PRO A 280 -8.04 -23.42 -31.25
C PRO A 280 -7.65 -23.44 -29.78
N ILE A 281 -7.96 -22.39 -29.04
CA ILE A 281 -7.67 -22.36 -27.61
C ILE A 281 -8.40 -23.51 -26.93
N TYR A 282 -9.67 -23.70 -27.29
CA TYR A 282 -10.46 -24.72 -26.64
C TYR A 282 -9.97 -26.10 -27.02
N LYS A 283 -9.63 -26.29 -28.30
CA LYS A 283 -9.12 -27.58 -28.75
C LYS A 283 -7.85 -27.94 -28.02
N ASP A 284 -6.93 -26.99 -27.91
CA ASP A 284 -5.68 -27.25 -27.19
C ASP A 284 -5.96 -27.56 -25.72
N PHE A 285 -6.85 -26.80 -25.08
CA PHE A 285 -7.09 -27.02 -23.66
C PHE A 285 -7.72 -28.39 -23.42
N ASP A 286 -8.70 -28.75 -24.25
CA ASP A 286 -9.33 -30.05 -24.15
C ASP A 286 -8.31 -31.17 -24.33
N LYS A 287 -7.40 -31.00 -25.28
CA LYS A 287 -6.36 -32.00 -25.49
C LYS A 287 -5.50 -32.16 -24.26
N LYS A 288 -5.07 -31.03 -23.65
CA LYS A 288 -4.22 -31.07 -22.47
C LYS A 288 -4.94 -31.67 -21.27
N ILE A 289 -6.20 -31.31 -21.05
CA ILE A 289 -6.94 -31.74 -19.87
C ILE A 289 -7.49 -33.15 -20.04
N GLY A 290 -7.59 -33.62 -21.28
CA GLY A 290 -7.98 -34.98 -21.58
C GLY A 290 -9.47 -35.23 -21.75
N LYS A 291 -10.27 -34.20 -21.97
CA LYS A 291 -11.70 -34.41 -22.19
C LYS A 291 -12.25 -33.14 -22.82
N GLN A 292 -13.52 -33.19 -23.23
CA GLN A 292 -14.20 -32.03 -23.84
C GLN A 292 -14.73 -31.09 -22.75
N LEU A 293 -13.81 -30.61 -21.91
CA LEU A 293 -14.21 -29.85 -20.74
C LEU A 293 -14.78 -28.49 -21.12
N VAL A 294 -14.17 -27.81 -22.09
CA VAL A 294 -14.67 -26.47 -22.42
C VAL A 294 -16.13 -26.57 -22.83
N GLU A 295 -16.46 -27.55 -23.66
CA GLU A 295 -17.82 -27.72 -24.14
C GLU A 295 -18.76 -28.10 -23.01
N GLU A 296 -18.28 -28.94 -22.08
N GLU A 296 -18.29 -28.98 -22.11
CA GLU A 296 -19.14 -29.32 -20.96
CA GLU A 296 -19.09 -29.33 -20.94
C GLU A 296 -19.42 -28.12 -20.06
C GLU A 296 -19.43 -28.08 -20.14
N LEU A 297 -18.43 -27.26 -19.84
CA LEU A 297 -18.66 -26.09 -19.01
C LEU A 297 -19.55 -25.08 -19.73
N SER A 298 -19.33 -24.89 -21.03
N SER A 298 -19.38 -24.94 -21.05
CA SER A 298 -20.18 -24.01 -21.81
CA SER A 298 -20.17 -24.00 -21.82
C SER A 298 -21.65 -24.38 -21.64
C SER A 298 -21.64 -24.40 -21.83
N ASP A 299 -21.93 -25.69 -21.65
CA ASP A 299 -23.31 -26.18 -21.63
C ASP A 299 -23.90 -26.30 -20.23
N ILE A 300 -23.10 -26.08 -19.19
CA ILE A 300 -23.60 -26.04 -17.83
C ILE A 300 -24.52 -24.81 -17.76
N MET B 1 -5.90 3.90 38.86
CA MET B 1 -5.96 3.99 37.36
C MET B 1 -6.92 2.91 36.88
N GLU B 2 -7.65 3.24 35.81
CA GLU B 2 -8.56 2.30 35.19
C GLU B 2 -8.32 2.15 33.71
N THR B 3 -7.62 3.10 33.07
CA THR B 3 -7.38 3.02 31.63
C THR B 3 -5.88 3.13 31.40
N ILE B 4 -5.29 2.07 30.89
CA ILE B 4 -3.84 1.98 30.76
C ILE B 4 -3.49 1.85 29.29
N LEU B 5 -2.67 2.78 28.80
N LEU B 5 -2.65 2.77 28.80
CA LEU B 5 -2.22 2.84 27.42
CA LEU B 5 -2.23 2.80 27.41
C LEU B 5 -0.74 2.48 27.38
C LEU B 5 -0.72 2.59 27.33
N LYS B 6 -0.29 2.00 26.23
CA LYS B 6 1.12 1.65 25.99
C LYS B 6 1.64 2.37 24.78
N MET B 7 2.80 3.00 24.92
CA MET B 7 3.48 3.70 23.85
C MET B 7 4.84 3.08 23.62
N GLY B 8 5.19 2.87 22.36
CA GLY B 8 6.51 2.39 22.00
C GLY B 8 7.24 3.40 21.13
N LEU B 9 8.56 3.40 21.23
CA LEU B 9 9.38 4.28 20.41
C LEU B 9 10.76 3.66 20.20
N GLN B 10 11.35 3.94 19.03
CA GLN B 10 12.69 3.46 18.74
C GLN B 10 13.75 4.21 19.53
N ALA B 11 13.56 5.51 19.71
CA ALA B 11 14.59 6.33 20.33
C ALA B 11 14.78 5.92 21.78
N ASN B 12 16.00 6.16 22.27
N ASN B 12 15.99 6.13 22.28
CA ASN B 12 16.41 5.73 23.59
CA ASN B 12 16.39 5.69 23.59
C ASN B 12 15.98 6.71 24.68
C ASN B 12 16.05 6.71 24.67
N VAL B 13 16.02 6.24 25.92
CA VAL B 13 15.96 7.15 27.05
C VAL B 13 17.05 8.21 26.84
N GLY B 14 16.74 9.47 27.12
CA GLY B 14 17.67 10.57 26.89
C GLY B 14 17.47 11.31 25.59
N SER B 15 16.71 10.75 24.66
CA SER B 15 16.43 11.39 23.38
C SER B 15 15.33 12.43 23.54
N VAL B 16 15.22 13.30 22.53
CA VAL B 16 14.12 14.26 22.51
C VAL B 16 12.80 13.53 22.45
N GLU B 17 12.72 12.46 21.66
CA GLU B 17 11.47 11.72 21.54
C GLU B 17 11.05 11.12 22.87
N TYR B 18 11.99 10.53 23.59
CA TYR B 18 11.66 9.97 24.89
C TYR B 18 11.26 11.07 25.87
N ASP B 19 11.97 12.19 25.88
N ASP B 19 12.02 12.18 25.91
CA ASP B 19 11.58 13.22 26.83
CA ASP B 19 11.65 13.30 26.75
C ASP B 19 10.20 13.78 26.52
C ASP B 19 10.18 13.66 26.51
N SER B 20 9.81 13.79 25.25
CA SER B 20 8.44 14.16 24.90
C SER B 20 7.44 13.08 25.29
N ALA B 21 7.80 11.81 25.13
CA ALA B 21 6.92 10.74 25.57
C ALA B 21 6.68 10.81 27.07
N LYS B 22 7.71 11.18 27.84
CA LYS B 22 7.53 11.35 29.28
C LYS B 22 6.57 12.49 29.58
N ILE B 23 6.64 13.59 28.82
N ILE B 23 6.68 13.62 28.88
CA ILE B 23 5.66 14.66 28.94
CA ILE B 23 5.76 14.72 29.15
C ILE B 23 4.27 14.14 28.64
C ILE B 23 4.34 14.34 28.75
N LEU B 24 4.09 13.48 27.49
N LEU B 24 4.21 13.51 27.72
CA LEU B 24 2.80 12.87 27.20
CA LEU B 24 2.89 13.04 27.31
C LEU B 24 2.28 12.10 28.40
C LEU B 24 2.30 12.06 28.32
N SER B 25 3.12 11.22 28.92
CA SER B 25 2.69 10.35 29.99
C SER B 25 2.31 11.14 31.23
N ASP B 26 3.14 12.12 31.61
CA ASP B 26 2.86 12.92 32.78
C ASP B 26 1.57 13.70 32.61
N LYS B 27 1.36 14.31 31.44
CA LYS B 27 0.17 15.10 31.22
C LYS B 27 -1.08 14.23 31.21
N ILE B 28 -1.00 13.04 30.62
CA ILE B 28 -2.15 12.14 30.63
C ILE B 28 -2.53 11.79 32.08
N SER B 29 -1.53 11.49 32.90
CA SER B 29 -1.80 11.16 34.30
C SER B 29 -2.38 12.35 35.05
N GLU B 30 -1.77 13.53 34.88
CA GLU B 30 -2.23 14.72 35.60
C GLU B 30 -3.65 15.09 35.19
N LEU B 31 -3.90 15.19 33.89
CA LEU B 31 -5.19 15.71 33.43
C LEU B 31 -6.32 14.75 33.71
N SER B 32 -6.03 13.45 33.81
CA SER B 32 -7.04 12.46 34.14
C SER B 32 -7.16 12.20 35.63
N ASP B 33 -6.44 12.95 36.47
CA ASP B 33 -6.43 12.70 37.91
C ASP B 33 -6.05 11.25 38.23
N GLY B 34 -5.14 10.70 37.44
CA GLY B 34 -4.64 9.36 37.65
C GLY B 34 -5.52 8.25 37.14
N GLU B 35 -6.65 8.56 36.49
CA GLU B 35 -7.49 7.52 35.93
C GLU B 35 -6.87 6.88 34.70
N MET B 36 -6.07 7.64 33.95
N MET B 36 -6.06 7.61 33.94
CA MET B 36 -5.34 7.12 32.81
CA MET B 36 -5.41 7.10 32.74
C MET B 36 -3.86 7.06 33.14
C MET B 36 -3.90 7.18 32.90
N LYS B 37 -3.19 6.12 32.49
CA LYS B 37 -1.74 6.03 32.60
C LYS B 37 -1.19 5.62 31.24
N LEU B 38 -0.04 6.18 30.88
CA LEU B 38 0.69 5.82 29.67
C LEU B 38 2.03 5.19 30.04
N LEU B 39 2.18 3.92 29.73
CA LEU B 39 3.41 3.16 29.88
C LEU B 39 4.29 3.41 28.66
N LEU B 40 5.62 3.39 28.85
CA LEU B 40 6.58 3.72 27.81
C LEU B 40 7.56 2.59 27.57
N TYR B 41 7.75 2.24 26.29
CA TYR B 41 8.63 1.15 25.86
C TYR B 41 9.62 1.70 24.84
N PRO B 42 10.72 2.30 25.31
N PRO B 42 10.73 2.29 25.31
CA PRO B 42 11.66 2.97 24.40
CA PRO B 42 11.68 2.97 24.41
C PRO B 42 12.76 2.04 23.92
C PRO B 42 12.73 2.02 23.87
N GLY B 43 13.69 2.62 23.16
CA GLY B 43 14.86 1.90 22.74
C GLY B 43 14.61 0.80 21.75
N ALA B 44 13.47 0.83 21.04
CA ALA B 44 13.15 -0.20 20.07
C ALA B 44 13.05 -1.56 20.72
N GLN B 45 12.72 -1.62 22.01
CA GLN B 45 12.59 -2.92 22.64
C GLN B 45 11.42 -3.72 22.09
N LEU B 46 10.44 -3.06 21.47
CA LEU B 46 9.32 -3.73 20.82
C LEU B 46 9.55 -3.98 19.34
N GLY B 47 10.67 -3.54 18.78
CA GLY B 47 10.92 -3.55 17.36
C GLY B 47 11.14 -2.15 16.84
N ASP B 48 11.35 -2.05 15.53
CA ASP B 48 11.48 -0.76 14.87
C ASP B 48 10.12 -0.09 14.68
N ASP B 49 10.13 1.07 14.02
CA ASP B 49 8.87 1.77 13.77
C ASP B 49 7.91 0.94 12.94
N ARG B 50 8.40 0.24 11.93
CA ARG B 50 7.53 -0.60 11.11
C ARG B 50 6.83 -1.64 11.97
N ALA B 51 7.56 -2.28 12.86
CA ALA B 51 6.99 -3.29 13.74
C ALA B 51 5.97 -2.68 14.71
N MET B 52 6.29 -1.53 15.31
CA MET B 52 5.36 -0.92 16.27
C MET B 52 4.12 -0.41 15.56
N LEU B 53 4.23 0.06 14.31
CA LEU B 53 3.03 0.40 13.54
C LEU B 53 2.15 -0.83 13.36
N GLN B 54 2.75 -1.98 13.03
N GLN B 54 2.75 -1.98 13.00
CA GLN B 54 1.97 -3.20 12.88
CA GLN B 54 1.95 -3.19 12.89
C GLN B 54 1.33 -3.60 14.20
C GLN B 54 1.27 -3.51 14.22
N GLN B 55 2.00 -3.35 15.33
CA GLN B 55 1.42 -3.59 16.64
C GLN B 55 0.23 -2.69 16.92
N LEU B 56 0.29 -1.42 16.51
CA LEU B 56 -0.90 -0.56 16.63
C LEU B 56 -2.05 -1.11 15.82
N SER B 57 -1.78 -1.59 14.60
CA SER B 57 -2.87 -2.10 13.78
C SER B 57 -3.56 -3.27 14.45
N MET B 58 -2.81 -4.10 15.15
CA MET B 58 -3.31 -5.30 15.82
C MET B 58 -3.85 -5.01 17.22
N GLY B 59 -3.71 -3.80 17.73
CA GLY B 59 -4.13 -3.46 19.07
C GLY B 59 -3.19 -3.94 20.16
N ASP B 60 -1.97 -4.33 19.82
CA ASP B 60 -0.98 -4.78 20.80
C ASP B 60 -0.20 -3.63 21.38
N LEU B 61 -0.32 -2.44 20.82
CA LEU B 61 0.30 -1.22 21.28
C LEU B 61 -0.71 -0.12 21.01
N ASP B 62 -0.76 0.91 21.86
CA ASP B 62 -1.74 1.98 21.68
C ASP B 62 -1.22 3.19 20.93
N ILE B 63 0.00 3.64 21.21
CA ILE B 63 0.54 4.88 20.65
C ILE B 63 1.95 4.61 20.14
N THR B 64 2.29 5.22 19.00
CA THR B 64 3.68 5.22 18.57
C THR B 64 3.93 6.45 17.69
N PHE B 65 5.19 6.65 17.36
CA PHE B 65 5.63 7.71 16.47
C PHE B 65 5.87 7.18 15.06
N ALA B 66 5.61 8.01 14.05
CA ALA B 66 6.01 7.67 12.69
C ALA B 66 6.01 8.95 11.85
N GLU B 67 6.95 9.06 10.93
CA GLU B 67 6.90 10.18 9.99
C GLU B 67 5.74 9.99 9.01
N PHE B 68 5.16 11.10 8.55
CA PHE B 68 4.13 11.00 7.51
C PHE B 68 4.64 10.19 6.32
N GLY B 69 5.88 10.46 5.89
CA GLY B 69 6.41 9.75 4.74
C GLY B 69 6.58 8.26 4.94
N ARG B 70 6.70 7.81 6.20
CA ARG B 70 6.81 6.39 6.48
C ARG B 70 5.52 5.66 6.15
N MET B 71 4.41 6.38 6.03
CA MET B 71 3.17 5.77 5.59
C MET B 71 3.27 5.23 4.17
N GLY B 72 4.26 5.66 3.40
CA GLY B 72 4.45 5.20 2.05
C GLY B 72 4.59 3.71 1.90
N LEU B 73 5.00 2.99 2.95
CA LEU B 73 5.07 1.53 2.88
C LEU B 73 3.70 0.92 2.65
N TRP B 74 2.65 1.59 3.11
CA TRP B 74 1.27 1.11 3.05
C TRP B 74 0.38 1.93 2.15
N ILE B 75 0.72 3.19 1.93
CA ILE B 75 -0.06 4.21 1.21
C ILE B 75 0.95 4.88 0.30
N PRO B 76 1.19 4.34 -0.90
CA PRO B 76 2.39 4.73 -1.64
C PRO B 76 2.59 6.22 -1.83
N ARG B 77 1.53 6.99 -2.10
CA ARG B 77 1.71 8.39 -2.41
C ARG B 77 2.34 9.16 -1.25
N ALA B 78 2.19 8.69 -0.02
CA ALA B 78 2.74 9.40 1.14
C ALA B 78 4.25 9.43 1.11
N GLU B 79 4.89 8.49 0.42
N GLU B 79 4.90 8.50 0.43
CA GLU B 79 6.35 8.44 0.35
CA GLU B 79 6.36 8.49 0.44
C GLU B 79 6.94 9.73 -0.20
C GLU B 79 6.94 9.75 -0.19
N ALA B 80 6.20 10.42 -1.07
CA ALA B 80 6.74 11.61 -1.72
C ALA B 80 7.23 12.63 -0.72
N VAL B 81 6.63 12.71 0.46
N VAL B 81 6.59 12.67 0.45
CA VAL B 81 7.07 13.72 1.42
CA VAL B 81 6.79 13.69 1.45
C VAL B 81 8.42 13.40 2.05
C VAL B 81 8.17 13.60 2.08
N MET B 82 8.88 12.16 1.99
N MET B 82 8.85 12.45 1.97
CA MET B 82 10.20 11.83 2.50
CA MET B 82 10.18 12.26 2.53
C MET B 82 11.30 11.98 1.46
C MET B 82 11.25 12.00 1.47
N LEU B 83 10.94 12.16 0.19
CA LEU B 83 11.96 12.20 -0.84
C LEU B 83 12.85 13.42 -0.61
N PRO B 84 14.15 13.32 -0.84
N PRO B 84 14.14 13.31 -0.87
CA PRO B 84 15.05 14.41 -0.44
CA PRO B 84 15.07 14.41 -0.57
C PRO B 84 14.69 15.69 -1.16
C PRO B 84 14.60 15.72 -1.18
N TYR B 85 14.66 16.78 -0.38
CA TYR B 85 14.45 18.17 -0.78
C TYR B 85 13.00 18.51 -1.14
N VAL B 86 12.05 17.59 -1.05
CA VAL B 86 10.66 17.93 -1.40
C VAL B 86 10.07 18.88 -0.36
N VAL B 87 10.15 18.50 0.91
CA VAL B 87 9.61 19.29 2.00
C VAL B 87 10.65 20.32 2.41
N LYS B 88 10.25 21.59 2.42
N LYS B 88 10.27 21.60 2.38
CA LYS B 88 11.21 22.67 2.64
CA LYS B 88 11.23 22.65 2.67
C LYS B 88 11.51 22.90 4.12
C LYS B 88 11.57 22.72 4.17
N ASN B 89 10.56 22.65 5.00
CA ASN B 89 10.69 22.96 6.43
C ASN B 89 9.45 22.41 7.15
N TYR B 90 9.40 22.59 8.46
CA TYR B 90 8.28 22.07 9.24
C TYR B 90 6.97 22.71 8.83
N ALA B 91 6.94 24.02 8.57
CA ALA B 91 5.69 24.65 8.19
C ALA B 91 5.13 23.98 6.94
N HIS B 92 6.01 23.62 6.00
CA HIS B 92 5.56 22.97 4.77
C HIS B 92 4.95 21.61 5.06
N ILE B 93 5.58 20.81 5.91
CA ILE B 93 4.98 19.53 6.25
C ILE B 93 3.67 19.69 7.00
N GLN B 94 3.55 20.73 7.84
CA GLN B 94 2.25 21.00 8.48
C GLN B 94 1.18 21.28 7.44
N ARG B 95 1.50 22.13 6.45
CA ARG B 95 0.53 22.41 5.41
C ARG B 95 0.17 21.15 4.65
N ILE B 96 1.15 20.29 4.37
CA ILE B 96 0.86 19.05 3.68
C ILE B 96 -0.06 18.16 4.53
N PHE B 97 0.26 18.01 5.81
CA PHE B 97 -0.53 17.20 6.71
C PHE B 97 -1.98 17.64 6.75
N ASN B 98 -2.20 18.97 6.72
N ASN B 98 -2.22 18.96 6.69
CA ASN B 98 -3.52 19.57 6.84
CA ASN B 98 -3.56 19.50 6.83
C ASN B 98 -4.28 19.65 5.52
C ASN B 98 -4.25 19.80 5.50
N SER B 99 -3.59 19.53 4.39
CA SER B 99 -4.15 19.72 3.08
C SER B 99 -5.15 18.63 2.73
N LYS B 100 -5.86 18.84 1.61
CA LYS B 100 -6.71 17.79 1.09
C LYS B 100 -5.91 16.49 0.91
N PHE B 101 -4.71 16.59 0.35
CA PHE B 101 -3.86 15.41 0.19
C PHE B 101 -3.58 14.75 1.52
N GLY B 102 -3.20 15.55 2.52
CA GLY B 102 -2.88 14.99 3.83
C GLY B 102 -4.06 14.33 4.48
N GLN B 103 -5.23 14.99 4.40
N GLN B 103 -5.23 14.98 4.40
CA GLN B 103 -6.42 14.40 4.96
CA GLN B 103 -6.43 14.40 4.97
C GLN B 103 -6.77 13.09 4.30
C GLN B 103 -6.81 13.10 4.30
N GLY B 104 -6.55 12.98 3.00
CA GLY B 104 -6.84 11.73 2.31
C GLY B 104 -5.96 10.60 2.79
N VAL B 105 -4.67 10.87 2.98
CA VAL B 105 -3.77 9.86 3.55
C VAL B 105 -4.21 9.49 4.95
N ARG B 106 -4.53 10.48 5.79
CA ARG B 106 -4.94 10.24 7.16
C ARG B 106 -6.20 9.41 7.23
N GLU B 107 -7.14 9.60 6.30
CA GLU B 107 -8.36 8.78 6.29
C GLU B 107 -8.02 7.34 5.92
N GLU B 108 -7.14 7.10 4.95
N GLU B 108 -7.12 7.15 4.98
CA GLU B 108 -6.77 5.72 4.64
CA GLU B 108 -6.71 5.82 4.58
C GLU B 108 -6.05 5.07 5.82
C GLU B 108 -6.00 5.10 5.73
N MET B 109 -5.18 5.83 6.49
CA MET B 109 -4.51 5.29 7.67
C MET B 109 -5.52 4.76 8.68
N LEU B 110 -6.59 5.49 8.89
N LEU B 110 -6.54 5.57 8.98
CA LEU B 110 -7.54 5.13 9.92
CA LEU B 110 -7.62 5.20 9.87
C LEU B 110 -8.44 3.99 9.45
C LEU B 110 -8.28 3.93 9.37
N THR B 111 -8.83 4.01 8.18
CA THR B 111 -9.74 3.00 7.67
C THR B 111 -9.05 1.66 7.45
N ASN B 112 -7.86 1.66 6.88
CA ASN B 112 -7.23 0.42 6.48
C ASN B 112 -6.37 -0.20 7.56
N PHE B 113 -5.72 0.65 8.38
CA PHE B 113 -4.61 0.21 9.21
C PHE B 113 -4.84 0.51 10.68
N ASN B 114 -5.98 1.07 11.06
CA ASN B 114 -6.31 1.35 12.45
C ASN B 114 -5.41 2.42 13.08
N TRP B 115 -4.94 3.38 12.28
CA TRP B 115 -4.06 4.43 12.80
C TRP B 115 -4.75 5.78 12.73
N ARG B 116 -4.94 6.42 13.88
N ARG B 116 -4.85 6.45 13.87
CA ARG B 116 -5.39 7.81 13.93
CA ARG B 116 -5.39 7.79 13.95
C ARG B 116 -4.18 8.69 14.18
C ARG B 116 -4.26 8.78 14.25
N ALA B 117 -3.97 9.67 13.30
CA ALA B 117 -2.92 10.67 13.51
C ALA B 117 -3.49 11.81 14.35
N LEU B 118 -2.91 12.03 15.50
CA LEU B 118 -3.34 13.07 16.42
C LEU B 118 -2.68 14.41 16.16
N ASP B 119 -1.49 14.39 15.59
CA ASP B 119 -0.66 15.59 15.40
C ASP B 119 0.57 15.14 14.64
N THR B 120 1.34 16.11 14.16
CA THR B 120 2.70 15.82 13.73
C THR B 120 3.61 16.93 14.18
N TRP B 121 4.71 16.55 14.81
CA TRP B 121 5.70 17.45 15.36
C TRP B 121 6.91 17.54 14.44
N TYR B 122 7.85 18.43 14.76
CA TYR B 122 9.09 18.55 14.02
C TYR B 122 10.16 17.72 14.71
N ASN B 123 10.74 16.74 14.01
CA ASN B 123 11.83 15.96 14.57
C ASN B 123 13.20 16.38 14.07
N GLY B 124 13.27 17.37 13.21
CA GLY B 124 14.51 17.92 12.74
C GLY B 124 14.78 17.58 11.29
N THR B 125 15.72 18.33 10.71
CA THR B 125 16.15 18.13 9.34
C THR B 125 17.43 17.29 9.34
N ARG B 126 17.43 16.23 8.54
CA ARG B 126 18.57 15.31 8.52
C ARG B 126 19.78 15.96 7.87
N GLN B 127 20.95 15.65 8.45
CA GLN B 127 22.26 16.15 8.05
C GLN B 127 23.20 14.95 7.96
N THR B 128 24.29 15.04 7.19
CA THR B 128 25.13 13.88 6.93
C THR B 128 26.45 13.99 7.69
N SER B 129 26.71 13.05 8.58
CA SER B 129 28.00 12.99 9.27
C SER B 129 28.90 11.97 8.60
N SER B 130 30.21 12.11 8.84
CA SER B 130 31.13 11.20 8.20
C SER B 130 32.51 11.23 8.84
N ASN B 131 33.31 10.25 8.46
CA ASN B 131 34.69 10.13 8.92
C ASN B 131 35.71 10.75 7.98
N ARG B 132 35.24 11.53 7.00
CA ARG B 132 36.08 12.39 6.17
C ARG B 132 35.20 13.54 5.71
N PRO B 133 35.78 14.70 5.39
N PRO B 133 35.79 14.69 5.37
CA PRO B 133 34.95 15.87 5.09
CA PRO B 133 34.95 15.88 5.13
C PRO B 133 34.11 15.70 3.84
C PRO B 133 34.17 15.81 3.82
N LEU B 134 32.92 16.29 3.87
CA LEU B 134 32.05 16.35 2.71
C LEU B 134 31.80 17.82 2.40
N ASN B 135 32.59 18.36 1.48
CA ASN B 135 32.51 19.77 1.13
C ASN B 135 31.68 20.04 -0.11
N THR B 136 31.46 19.01 -0.92
CA THR B 136 30.79 19.10 -2.21
C THR B 136 30.21 17.73 -2.50
N ILE B 137 29.20 17.70 -3.36
CA ILE B 137 28.50 16.44 -3.62
C ILE B 137 29.44 15.30 -4.02
N SER B 138 30.44 15.57 -4.86
CA SER B 138 31.30 14.47 -5.31
C SER B 138 32.11 13.84 -4.20
N ASP B 139 32.23 14.49 -3.05
CA ASP B 139 32.88 13.84 -1.91
C ASP B 139 32.09 12.62 -1.42
N PHE B 140 30.80 12.52 -1.79
CA PHE B 140 30.05 11.34 -1.45
C PHE B 140 30.49 10.10 -2.22
N GLU B 141 31.21 10.27 -3.32
CA GLU B 141 31.66 9.10 -4.06
C GLU B 141 32.55 8.23 -3.18
N GLY B 142 32.27 6.94 -3.12
CA GLY B 142 33.02 6.04 -2.28
C GLY B 142 32.60 6.00 -0.83
N LEU B 143 31.73 6.90 -0.40
CA LEU B 143 31.37 6.98 1.00
C LEU B 143 30.41 5.83 1.34
N LYS B 144 30.79 5.02 2.31
N LYS B 144 30.77 5.05 2.35
CA LYS B 144 29.89 3.97 2.81
CA LYS B 144 29.90 3.97 2.83
C LYS B 144 28.93 4.66 3.77
C LYS B 144 28.90 4.60 3.79
N LEU B 145 27.74 4.98 3.28
CA LEU B 145 26.79 5.81 4.02
C LEU B 145 25.67 4.93 4.57
N ARG B 146 25.64 4.77 5.89
CA ARG B 146 24.51 4.07 6.50
C ARG B 146 23.24 4.86 6.28
N VAL B 147 22.17 4.11 6.00
CA VAL B 147 20.81 4.65 5.94
C VAL B 147 19.90 3.74 6.75
N PRO B 148 18.78 4.27 7.24
CA PRO B 148 17.73 3.38 7.79
C PRO B 148 17.17 2.51 6.68
N ASN B 149 16.30 1.60 7.08
CA ASN B 149 15.58 0.75 6.14
C ASN B 149 14.40 1.54 5.57
N ALA B 150 14.74 2.50 4.71
CA ALA B 150 13.79 3.45 4.15
C ALA B 150 14.27 3.82 2.75
N LYS B 151 13.39 3.63 1.77
N LYS B 151 13.40 3.66 1.76
CA LYS B 151 13.74 3.86 0.38
CA LYS B 151 13.86 3.83 0.38
C LYS B 151 14.21 5.28 0.12
C LYS B 151 14.17 5.30 0.04
N ALA B 152 13.56 6.26 0.72
CA ALA B 152 13.89 7.66 0.42
C ALA B 152 15.32 7.99 0.81
N ASN B 153 15.75 7.52 1.99
CA ASN B 153 17.09 7.75 2.46
C ASN B 153 18.10 7.01 1.60
N LEU B 154 17.76 5.78 1.22
N LEU B 154 17.77 5.77 1.23
CA LEU B 154 18.60 5.02 0.30
CA LEU B 154 18.61 5.03 0.29
C LEU B 154 18.79 5.76 -1.01
C LEU B 154 18.81 5.82 -0.99
N ALA B 155 17.72 6.36 -1.54
CA ALA B 155 17.81 7.08 -2.80
C ALA B 155 18.66 8.34 -2.65
N PHE B 156 18.51 9.06 -1.54
CA PHE B 156 19.41 10.20 -1.30
C PHE B 156 20.86 9.76 -1.39
N ALA B 157 21.21 8.69 -0.68
CA ALA B 157 22.59 8.22 -0.68
C ALA B 157 23.03 7.83 -2.08
N LYS B 158 22.18 7.08 -2.79
CA LYS B 158 22.54 6.62 -4.13
C LYS B 158 22.79 7.79 -5.07
N TYR B 159 21.85 8.73 -5.13
CA TYR B 159 21.95 9.81 -6.10
C TYR B 159 22.98 10.86 -5.71
N ALA B 160 23.37 10.91 -4.44
CA ALA B 160 24.51 11.74 -4.06
C ALA B 160 25.82 11.12 -4.49
N GLY B 161 25.82 9.83 -4.83
CA GLY B 161 26.99 9.11 -5.27
C GLY B 161 27.59 8.16 -4.25
N ALA B 162 27.00 8.03 -3.07
CA ALA B 162 27.52 7.17 -2.03
C ALA B 162 27.13 5.72 -2.26
N SER B 163 27.70 4.86 -1.43
CA SER B 163 27.42 3.44 -1.40
C SER B 163 26.54 3.20 -0.19
N PRO B 164 25.23 3.06 -0.34
CA PRO B 164 24.38 2.98 0.83
C PRO B 164 24.46 1.62 1.51
N THR B 165 24.39 1.62 2.85
CA THR B 165 24.30 0.39 3.64
C THR B 165 23.12 0.56 4.59
N PRO B 166 21.99 -0.07 4.30
N PRO B 166 21.99 -0.11 4.36
CA PRO B 166 20.89 -0.11 5.26
CA PRO B 166 20.88 0.00 5.32
C PRO B 166 21.33 -0.82 6.53
C PRO B 166 21.17 -0.78 6.59
N MET B 167 20.87 -0.29 7.66
N MET B 167 20.99 -0.11 7.73
CA MET B 167 21.24 -0.84 8.95
CA MET B 167 21.30 -0.68 9.04
C MET B 167 20.29 -0.31 10.01
C MET B 167 20.23 -0.30 10.05
N VAL B 168 19.84 -1.19 10.90
N VAL B 168 20.01 -1.19 11.02
CA VAL B 168 18.99 -0.77 12.01
CA VAL B 168 19.13 -0.88 12.15
C VAL B 168 19.70 0.26 12.89
C VAL B 168 19.75 0.25 12.96
N PHE B 169 18.89 1.15 13.46
CA PHE B 169 19.40 2.31 14.20
C PHE B 169 20.32 1.94 15.35
N SER B 170 19.99 0.90 16.10
CA SER B 170 20.77 0.55 17.27
C SER B 170 22.18 0.06 16.94
N GLU B 171 22.46 -0.30 15.69
CA GLU B 171 23.78 -0.82 15.30
C GLU B 171 24.71 0.28 14.77
N VAL B 172 24.20 1.50 14.61
CA VAL B 172 24.95 2.53 13.90
C VAL B 172 26.21 2.96 14.64
N TYR B 173 26.12 3.24 15.94
CA TYR B 173 27.26 3.79 16.66
C TYR B 173 28.50 2.93 16.48
N LEU B 174 28.36 1.64 16.72
N LEU B 174 28.36 1.63 16.68
CA LEU B 174 29.52 0.76 16.63
CA LEU B 174 29.53 0.76 16.64
C LEU B 174 30.07 0.74 15.21
C LEU B 174 30.06 0.58 15.22
N ALA B 175 29.17 0.67 14.22
CA ALA B 175 29.62 0.61 12.84
C ALA B 175 30.37 1.87 12.45
N LEU B 176 29.93 3.02 12.96
CA LEU B 176 30.68 4.26 12.72
C LEU B 176 32.02 4.24 13.42
N GLN B 177 32.04 3.78 14.66
CA GLN B 177 33.26 3.80 15.44
C GLN B 177 34.41 3.12 14.71
N THR B 178 34.14 1.93 14.17
CA THR B 178 35.16 1.13 13.53
C THR B 178 35.29 1.39 12.04
N ASN B 179 34.54 2.34 11.50
CA ASN B 179 34.55 2.67 10.09
C ASN B 179 34.04 1.52 9.25
N ALA B 180 33.22 0.62 9.83
CA ALA B 180 32.51 -0.33 8.99
C ALA B 180 31.61 0.39 8.01
N VAL B 181 31.02 1.51 8.46
CA VAL B 181 30.44 2.51 7.57
C VAL B 181 31.19 3.80 7.85
N ASP B 182 31.17 4.68 6.85
CA ASP B 182 31.88 5.95 6.92
C ASP B 182 31.02 7.09 7.45
N GLY B 183 29.72 6.94 7.41
CA GLY B 183 28.85 8.03 7.80
C GLY B 183 27.43 7.55 8.04
N GLN B 184 26.61 8.49 8.50
CA GLN B 184 25.19 8.29 8.65
C GLN B 184 24.52 9.63 8.45
N GLU B 185 23.19 9.65 8.53
CA GLU B 185 22.45 10.89 8.33
C GLU B 185 21.23 10.87 9.23
N ASN B 186 21.00 11.97 9.92
CA ASN B 186 19.99 12.08 10.96
C ASN B 186 19.94 13.53 11.38
N PRO B 187 18.88 13.94 12.06
CA PRO B 187 18.85 15.31 12.58
C PRO B 187 19.87 15.52 13.68
N LEU B 188 20.15 16.79 13.96
CA LEU B 188 21.19 17.12 14.91
C LEU B 188 20.90 16.73 16.35
N PRO B 189 19.67 16.82 16.86
CA PRO B 189 19.45 16.32 18.23
C PRO B 189 19.81 14.85 18.35
N THR B 190 19.45 14.05 17.36
CA THR B 190 19.81 12.64 17.34
C THR B 190 21.31 12.44 17.33
N PHE B 191 22.01 13.17 16.44
CA PHE B 191 23.46 13.10 16.36
C PHE B 191 24.08 13.37 17.74
N ASN B 192 23.50 14.32 18.48
CA ASN B 192 23.96 14.65 19.82
C ASN B 192 23.70 13.52 20.81
N THR B 193 22.42 13.14 21.01
CA THR B 193 22.11 12.22 22.11
C THR B 193 22.59 10.81 21.85
N MET B 194 22.73 10.43 20.59
CA MET B 194 23.37 9.19 20.21
C MET B 194 24.87 9.24 20.34
N LYS B 195 25.44 10.39 20.64
N LYS B 195 25.41 10.42 20.64
CA LYS B 195 26.88 10.54 20.83
CA LYS B 195 26.84 10.64 20.81
C LYS B 195 27.65 10.28 19.55
C LYS B 195 27.61 10.23 19.57
N PHE B 196 27.01 10.48 18.38
CA PHE B 196 27.70 10.16 17.14
C PHE B 196 28.90 11.09 16.91
N TYR B 197 28.95 12.24 17.55
CA TYR B 197 30.12 13.11 17.46
C TYR B 197 31.38 12.46 18.03
N GLU B 198 31.24 11.45 18.89
CA GLU B 198 32.41 10.74 19.40
C GLU B 198 33.11 9.95 18.31
N VAL B 199 32.37 9.59 17.26
CA VAL B 199 32.81 8.66 16.24
C VAL B 199 32.65 9.23 14.83
N GLN B 200 32.34 10.53 14.73
CA GLN B 200 32.13 11.21 13.45
C GLN B 200 32.77 12.58 13.53
N PRO B 201 33.95 12.76 12.95
CA PRO B 201 34.65 14.04 13.06
C PRO B 201 34.18 15.09 12.06
N ASN B 202 33.22 14.78 11.20
CA ASN B 202 32.70 15.72 10.23
C ASN B 202 31.18 15.67 10.22
N LEU B 203 30.58 16.83 9.96
CA LEU B 203 29.14 16.98 9.79
C LEU B 203 28.93 17.92 8.63
N ALA B 204 28.09 17.52 7.69
CA ALA B 204 27.80 18.28 6.49
C ALA B 204 26.31 18.63 6.50
N MET B 205 26.03 19.91 6.29
N MET B 205 26.04 19.92 6.34
CA MET B 205 24.66 20.41 6.38
CA MET B 205 24.66 20.42 6.36
C MET B 205 23.95 20.24 5.03
C MET B 205 24.04 20.23 4.98
N THR B 206 23.68 18.97 4.71
CA THR B 206 23.01 18.61 3.48
C THR B 206 21.51 18.91 3.48
N ASN B 207 20.93 19.09 4.66
CA ASN B 207 19.55 19.55 4.80
C ASN B 207 18.59 18.75 3.95
N HIS B 208 18.76 17.43 3.88
CA HIS B 208 18.18 16.71 2.75
C HIS B 208 16.78 16.18 2.98
N ILE B 209 16.40 15.86 4.22
CA ILE B 209 15.05 15.37 4.53
C ILE B 209 14.58 16.00 5.82
N VAL B 210 13.46 16.69 5.76
CA VAL B 210 12.77 17.21 6.93
C VAL B 210 11.95 16.10 7.54
N ASN B 211 12.26 15.69 8.76
CA ASN B 211 11.48 14.67 9.44
C ASN B 211 10.43 15.33 10.33
N ASP B 212 9.17 15.00 10.07
CA ASP B 212 8.12 15.27 11.05
C ASP B 212 8.08 14.11 12.03
N GLN B 213 7.00 14.00 12.80
CA GLN B 213 6.91 12.97 13.84
C GLN B 213 5.42 12.92 14.21
N MET B 214 4.67 12.03 13.56
CA MET B 214 3.24 11.94 13.85
C MET B 214 3.10 11.17 15.16
N VAL B 215 2.11 11.57 15.95
CA VAL B 215 1.66 10.83 17.11
C VAL B 215 0.46 10.04 16.64
N LEU B 216 0.60 8.73 16.60
CA LEU B 216 -0.47 7.83 16.15
C LEU B 216 -1.04 7.09 17.35
N ILE B 217 -2.37 6.96 17.37
CA ILE B 217 -3.05 6.09 18.32
C ILE B 217 -3.88 5.09 17.55
N SER B 218 -4.01 3.90 18.11
CA SER B 218 -4.97 2.93 17.62
C SER B 218 -6.35 3.56 17.54
N GLU B 219 -6.97 3.51 16.35
CA GLU B 219 -8.29 4.11 16.20
C GLU B 219 -9.33 3.38 17.04
N ASP B 220 -9.22 2.05 17.12
CA ASP B 220 -10.16 1.32 17.95
C ASP B 220 -10.03 1.75 19.40
N ARG B 221 -8.80 1.98 19.87
N ARG B 221 -8.80 1.92 19.89
CA ARG B 221 -8.64 2.42 21.25
CA ARG B 221 -8.61 2.43 21.24
C ARG B 221 -9.17 3.84 21.43
C ARG B 221 -9.26 3.81 21.38
N TRP B 222 -8.92 4.73 20.47
CA TRP B 222 -9.46 6.07 20.54
C TRP B 222 -10.98 6.06 20.67
N GLN B 223 -11.64 5.27 19.83
CA GLN B 223 -13.10 5.26 19.83
C GLN B 223 -13.67 4.70 21.12
N SER B 224 -12.91 3.86 21.84
CA SER B 224 -13.34 3.28 23.10
C SER B 224 -13.20 4.26 24.26
N LEU B 225 -12.47 5.35 24.09
CA LEU B 225 -12.28 6.32 25.15
C LEU B 225 -13.50 7.23 25.26
N SER B 226 -13.72 7.76 26.46
CA SER B 226 -14.76 8.75 26.63
C SER B 226 -14.33 10.09 26.06
N LYS B 227 -15.29 11.01 25.90
CA LYS B 227 -14.93 12.34 25.42
C LYS B 227 -13.91 13.00 26.34
N ASP B 228 -14.04 12.84 27.66
N ASP B 228 -14.08 12.84 27.66
CA ASP B 228 -13.08 13.48 28.54
CA ASP B 228 -13.13 13.42 28.60
C ASP B 228 -11.70 12.85 28.43
C ASP B 228 -11.73 12.85 28.40
N GLN B 229 -11.63 11.53 28.25
CA GLN B 229 -10.33 10.89 28.05
C GLN B 229 -9.70 11.32 26.74
N GLN B 230 -10.51 11.45 25.69
CA GLN B 230 -10.03 11.99 24.44
C GLN B 230 -9.48 13.40 24.63
N ALA B 231 -10.19 14.24 25.40
CA ALA B 231 -9.73 15.60 25.62
CA ALA B 231 -9.73 15.60 25.62
C ALA B 231 -8.40 15.61 26.36
N THR B 232 -8.22 14.68 27.31
CA THR B 232 -6.94 14.57 28.01
C THR B 232 -5.81 14.27 27.03
N ILE B 233 -6.02 13.31 26.14
N ILE B 233 -6.03 13.28 26.17
CA ILE B 233 -4.96 12.97 25.20
CA ILE B 233 -5.04 12.92 25.15
C ILE B 233 -4.70 14.12 24.23
C ILE B 233 -4.72 14.13 24.28
N THR B 234 -5.77 14.77 23.76
CA THR B 234 -5.59 15.89 22.83
C THR B 234 -4.74 16.98 23.48
N GLU B 235 -5.06 17.32 24.72
CA GLU B 235 -4.30 18.38 25.39
C GLU B 235 -2.87 17.94 25.66
N ALA B 236 -2.67 16.70 26.10
CA ALA B 236 -1.32 16.21 26.35
C ALA B 236 -0.48 16.28 25.09
N VAL B 237 -1.05 15.88 23.95
CA VAL B 237 -0.34 15.91 22.69
C VAL B 237 0.01 17.33 22.29
N SER B 238 -0.91 18.28 22.50
CA SER B 238 -0.63 19.67 22.19
C SER B 238 0.52 20.23 23.05
N VAL B 239 0.49 19.96 24.34
CA VAL B 239 1.54 20.43 25.24
C VAL B 239 2.88 19.81 24.85
N ALA B 240 2.91 18.50 24.70
CA ALA B 240 4.16 17.82 24.38
C ALA B 240 4.68 18.27 23.02
N GLY B 241 3.80 18.46 22.03
CA GLY B 241 4.26 18.81 20.70
C GLY B 241 4.84 20.21 20.63
N LYS B 242 4.22 21.16 21.32
CA LYS B 242 4.79 22.51 21.35
C LYS B 242 6.21 22.46 21.90
N ARG B 243 6.39 21.72 23.01
CA ARG B 243 7.70 21.62 23.62
C ARG B 243 8.69 20.92 22.71
N HIS B 244 8.25 19.85 22.05
CA HIS B 244 9.12 19.03 21.21
C HIS B 244 9.66 19.84 20.04
N THR B 245 8.74 20.46 19.30
CA THR B 245 9.13 21.22 18.12
C THR B 245 10.04 22.38 18.50
N ASN B 246 9.71 23.10 19.57
CA ASN B 246 10.55 24.21 19.99
C ASN B 246 11.94 23.73 20.37
N PHE B 247 12.03 22.64 21.14
CA PHE B 247 13.32 22.12 21.55
C PHE B 247 14.16 21.74 20.35
N VAL B 248 13.57 21.03 19.40
CA VAL B 248 14.31 20.66 18.19
C VAL B 248 14.79 21.89 17.46
N ASN B 249 13.89 22.86 17.25
CA ASN B 249 14.26 24.09 16.55
C ASN B 249 15.49 24.73 17.20
N ASN B 250 15.43 24.87 18.52
CA ASN B 250 16.50 25.57 19.23
C ASN B 250 17.79 24.77 19.25
N GLN B 251 17.68 23.46 19.44
CA GLN B 251 18.85 22.60 19.41
C GLN B 251 19.54 22.63 18.06
N GLU B 252 18.79 22.72 16.96
CA GLU B 252 19.45 22.77 15.66
C GLU B 252 20.40 23.95 15.56
N LYS B 253 20.11 25.04 16.25
CA LYS B 253 21.04 26.17 16.25
C LYS B 253 22.09 26.02 17.36
N GLU B 254 21.64 25.70 18.55
CA GLU B 254 22.53 25.72 19.72
C GLU B 254 23.58 24.62 19.68
N LEU B 255 23.29 23.50 19.02
CA LEU B 255 24.22 22.38 19.02
C LEU B 255 25.44 22.62 18.16
N ILE B 256 25.40 23.55 17.21
CA ILE B 256 26.55 23.78 16.34
C ILE B 256 27.77 24.11 17.16
N THR B 257 27.61 25.02 18.12
N THR B 257 27.66 25.04 18.12
CA THR B 257 28.73 25.42 18.95
CA THR B 257 28.86 25.38 18.88
C THR B 257 29.29 24.24 19.73
C THR B 257 29.32 24.23 19.76
N PHE B 258 28.39 23.40 20.26
CA PHE B 258 28.80 22.24 21.03
C PHE B 258 29.57 21.26 20.16
N PHE B 259 29.07 20.94 18.98
CA PHE B 259 29.78 20.01 18.12
C PHE B 259 31.16 20.54 17.78
N LYS B 260 31.27 21.83 17.49
CA LYS B 260 32.59 22.39 17.18
C LYS B 260 33.51 22.25 18.39
N ALA B 261 32.98 22.51 19.59
CA ALA B 261 33.77 22.35 20.81
C ALA B 261 34.22 20.93 21.03
N GLU B 262 33.45 19.96 20.55
CA GLU B 262 33.79 18.54 20.64
C GLU B 262 34.72 18.08 19.53
N GLY B 263 35.15 18.98 18.65
CA GLY B 263 36.09 18.61 17.60
C GLY B 263 35.44 18.11 16.32
N VAL B 264 34.20 18.49 16.05
CA VAL B 264 33.56 18.15 14.79
C VAL B 264 33.77 19.30 13.82
N ASN B 265 34.21 18.96 12.61
CA ASN B 265 34.34 19.88 11.49
C ASN B 265 33.00 19.97 10.79
N ILE B 266 32.43 21.18 10.70
N ILE B 266 32.42 21.18 10.77
CA ILE B 266 31.09 21.36 10.15
CA ILE B 266 31.12 21.40 10.14
C ILE B 266 31.20 22.06 8.80
C ILE B 266 31.36 21.97 8.75
N THR B 267 30.68 21.41 7.77
CA THR B 267 30.73 21.92 6.41
C THR B 267 29.32 22.25 5.93
N TYR B 268 29.28 23.17 4.97
CA TYR B 268 28.04 23.70 4.38
C TYR B 268 28.17 23.59 2.87
N PRO B 269 28.02 22.41 2.32
CA PRO B 269 28.13 22.27 0.87
C PRO B 269 27.06 23.08 0.15
N ASP B 270 27.38 23.53 -1.05
CA ASP B 270 26.35 24.11 -1.92
C ASP B 270 25.32 23.02 -2.20
N LEU B 271 24.06 23.31 -1.91
CA LEU B 271 23.00 22.34 -2.07
C LEU B 271 22.40 22.32 -3.47
N ALA B 272 22.69 23.30 -4.32
CA ALA B 272 22.13 23.25 -5.67
C ALA B 272 22.56 21.98 -6.40
N PRO B 273 23.82 21.53 -6.31
CA PRO B 273 24.16 20.26 -6.99
C PRO B 273 23.45 19.07 -6.40
N PHE B 274 23.16 19.10 -5.09
CA PHE B 274 22.40 18.02 -4.48
C PHE B 274 20.97 18.00 -5.00
N ARG B 275 20.32 19.16 -5.04
N ARG B 275 20.32 19.16 -5.03
CA ARG B 275 18.94 19.20 -5.54
CA ARG B 275 18.95 19.22 -5.54
C ARG B 275 18.88 18.72 -6.98
C ARG B 275 18.89 18.72 -6.97
N GLU B 276 19.86 19.10 -7.79
CA GLU B 276 19.87 18.66 -9.19
C GLU B 276 20.06 17.16 -9.27
N ALA B 277 20.94 16.60 -8.45
CA ALA B 277 21.19 15.17 -8.49
C ALA B 277 19.98 14.35 -8.10
N MET B 278 19.05 14.93 -7.34
CA MET B 278 17.90 14.19 -6.91
C MET B 278 16.75 14.16 -7.91
N LEU B 279 16.84 14.95 -8.97
CA LEU B 279 15.74 15.04 -9.93
C LEU B 279 15.25 13.70 -10.45
N PRO B 280 16.10 12.72 -10.76
CA PRO B 280 15.57 11.43 -11.25
C PRO B 280 14.67 10.74 -10.26
N ILE B 281 14.89 10.96 -8.95
CA ILE B 281 14.03 10.36 -7.93
C ILE B 281 12.60 10.82 -8.14
N TYR B 282 12.42 12.11 -8.36
CA TYR B 282 11.08 12.66 -8.51
C TYR B 282 10.45 12.18 -9.80
N LYS B 283 11.23 12.11 -10.86
CA LYS B 283 10.68 11.67 -12.14
C LYS B 283 10.19 10.23 -12.04
N ASP B 284 10.99 9.36 -11.42
N ASP B 284 10.98 9.37 -11.40
CA ASP B 284 10.58 7.97 -11.26
CA ASP B 284 10.60 7.96 -11.25
C ASP B 284 9.36 7.86 -10.36
C ASP B 284 9.40 7.81 -10.33
N PHE B 285 9.32 8.63 -9.28
CA PHE B 285 8.18 8.57 -8.38
C PHE B 285 6.90 9.00 -9.08
N ASP B 286 6.98 10.11 -9.81
CA ASP B 286 5.82 10.61 -10.52
C ASP B 286 5.33 9.58 -11.55
N LYS B 287 6.27 8.93 -12.26
N LYS B 287 6.26 8.89 -12.21
CA LYS B 287 5.90 7.90 -13.21
CA LYS B 287 5.89 7.91 -13.22
C LYS B 287 5.13 6.79 -12.53
C LYS B 287 5.24 6.68 -12.61
N LYS B 288 5.60 6.35 -11.37
CA LYS B 288 4.96 5.24 -10.66
C LYS B 288 3.58 5.63 -10.14
N ILE B 289 3.44 6.86 -9.63
CA ILE B 289 2.20 7.27 -8.99
C ILE B 289 1.16 7.75 -9.99
N GLY B 290 1.59 8.14 -11.20
CA GLY B 290 0.67 8.51 -12.27
C GLY B 290 0.35 9.97 -12.43
N LYS B 291 1.06 10.88 -11.76
CA LYS B 291 0.85 12.32 -11.93
C LYS B 291 2.07 13.05 -11.37
N GLN B 292 2.09 14.36 -11.54
CA GLN B 292 3.21 15.20 -11.11
C GLN B 292 3.07 15.52 -9.62
N LEU B 293 3.03 14.46 -8.81
CA LEU B 293 2.71 14.63 -7.41
C LEU B 293 3.81 15.35 -6.66
N VAL B 294 5.08 15.05 -6.96
CA VAL B 294 6.15 15.71 -6.22
C VAL B 294 6.05 17.22 -6.37
N GLU B 295 5.80 17.66 -7.60
CA GLU B 295 5.74 19.09 -7.88
C GLU B 295 4.51 19.72 -7.22
N GLU B 296 3.40 18.99 -7.18
N GLU B 296 3.39 19.00 -7.23
CA GLU B 296 2.21 19.50 -6.50
CA GLU B 296 2.21 19.47 -6.51
C GLU B 296 2.43 19.64 -5.01
C GLU B 296 2.52 19.68 -5.03
N LEU B 297 3.11 18.68 -4.39
CA LEU B 297 3.38 18.78 -2.97
C LEU B 297 4.36 19.90 -2.69
N SER B 298 5.34 20.08 -3.57
N SER B 298 5.36 20.06 -3.55
CA SER B 298 6.34 21.14 -3.41
CA SER B 298 6.32 21.15 -3.37
C SER B 298 5.72 22.51 -3.46
C SER B 298 5.61 22.48 -3.30
N ASP B 299 4.56 22.65 -4.11
CA ASP B 299 3.88 23.92 -4.20
C ASP B 299 2.99 24.21 -3.01
N ILE B 300 2.64 23.22 -2.20
CA ILE B 300 1.77 23.44 -1.06
C ILE B 300 2.40 24.42 -0.07
#